data_6SJ4
#
_entry.id   6SJ4
#
_cell.length_a   135.320
_cell.length_b   54.337
_cell.length_c   139.844
_cell.angle_alpha   90.000
_cell.angle_beta   111.450
_cell.angle_gamma   90.000
#
_symmetry.space_group_name_H-M   'C 1 2 1'
#
loop_
_entity.id
_entity.type
_entity.pdbx_description
1 polymer Amidohydrolase
2 non-polymer '3-(3-hydroxyphenyl)carbonyloxybenzoic acid'
3 non-polymer 'TRIETHYLENE GLYCOL'
4 non-polymer 'ZINC ION'
5 non-polymer 1,2-ETHANEDIOL
6 non-polymer DI(HYDROXYETHYL)ETHER
7 water water
#
_entity_poly.entity_id   1
_entity_poly.type   'polypeptide(L)'
_entity_poly.pdbx_seq_one_letter_code
;MSYYHHHHHHDYDIPTTENLYFQGAMGARLITGGTVYTADAQESVHARGAVLTVDDKVVAVGPAVEVEQAVQALDPAVRA
ELRRLDASRMMVLPGFVNAHWHEMFAMGFTMRGALRPPSDRADQVAFMGGGGDMHQISATFDRFDGLIEAMTEDEARAIA
EYSMWIQLRGGVTTLGDMGSLNRPLAMVEAARRLGMRFSASTWASDAVLAPDRSRFLRTRDADTVLASFEALLGAVAADP
TGRIRCRPNVSYVTNMTDELARGMAELVERHDLPFATHVGALRNEADAMRAYHGETGVRRLAEAGLVDERLMAGHSAFLD
DQEQKLMLAGRAHISHSPGKYGPSGESALTETGVVPALRRAGLDVSLSTDAAALPGAGIAETMRAAWQMYNEMSADQTEV
LPTDALAMATRIAAKGLRWDDAVGSLEPGKQADLLLVRTDDWRYLLNPRPLESFLWLAGSADVDTVIVGGRTLVEGGRGV
EVDEAALRDRYLQALRGFTTRALRVPAEAVDPVLAEVAR
;
_entity_poly.pdbx_strand_id   A,B
#
loop_
_chem_comp.id
_chem_comp.type
_chem_comp.name
_chem_comp.formula
EDO non-polymer 1,2-ETHANEDIOL 'C2 H6 O2'
LFK non-polymer '3-(3-hydroxyphenyl)carbonyloxybenzoic acid' 'C14 H10 O5'
PEG non-polymer DI(HYDROXYETHYL)ETHER 'C4 H10 O3'
PGE non-polymer 'TRIETHYLENE GLYCOL' 'C6 H14 O4'
ZN non-polymer 'ZINC ION' 'Zn 2'
#
# COMPACT_ATOMS: atom_id res chain seq x y z
N MET A 26 -23.08 -17.23 24.28
CA MET A 26 -21.93 -16.29 24.12
C MET A 26 -22.08 -15.07 25.06
N GLY A 27 -23.32 -14.62 25.34
CA GLY A 27 -23.61 -13.55 26.33
C GLY A 27 -23.45 -12.16 25.73
N ALA A 28 -23.40 -11.13 26.58
CA ALA A 28 -23.36 -9.71 26.18
C ALA A 28 -21.96 -9.16 26.37
N ARG A 29 -21.48 -8.35 25.43
CA ARG A 29 -20.18 -7.64 25.57
C ARG A 29 -20.37 -6.18 25.19
N LEU A 30 -19.71 -5.30 25.94
CA LEU A 30 -19.55 -3.86 25.66
C LEU A 30 -18.09 -3.58 25.26
N ILE A 31 -17.90 -3.15 24.02
CA ILE A 31 -16.58 -2.73 23.47
C ILE A 31 -16.62 -1.20 23.41
N THR A 32 -15.85 -0.54 24.27
CA THR A 32 -16.00 0.90 24.60
C THR A 32 -14.64 1.59 24.51
N GLY A 33 -14.65 2.87 24.13
CA GLY A 33 -13.52 3.82 24.28
C GLY A 33 -12.78 4.10 22.98
N GLY A 34 -12.82 3.19 22.00
CA GLY A 34 -12.12 3.41 20.72
C GLY A 34 -12.84 4.40 19.81
N THR A 35 -12.22 4.76 18.68
CA THR A 35 -12.93 5.33 17.52
C THR A 35 -13.62 4.20 16.75
N VAL A 36 -14.94 4.30 16.58
CA VAL A 36 -15.80 3.25 15.96
C VAL A 36 -16.26 3.70 14.57
N TYR A 37 -15.91 2.95 13.54
CA TYR A 37 -16.42 3.10 12.15
C TYR A 37 -17.54 2.07 11.93
N THR A 38 -18.75 2.54 11.59
CA THR A 38 -19.97 1.71 11.45
C THR A 38 -20.17 1.22 10.01
N ALA A 39 -19.74 2.03 9.02
CA ALA A 39 -20.09 1.88 7.59
C ALA A 39 -21.61 1.70 7.45
N ASP A 40 -22.39 2.44 8.24
CA ASP A 40 -23.85 2.56 8.03
C ASP A 40 -24.12 3.54 6.87
N ALA A 41 -25.40 3.85 6.58
CA ALA A 41 -25.84 4.69 5.45
C ALA A 41 -25.19 6.07 5.52
N GLN A 42 -24.98 6.61 6.71
CA GLN A 42 -24.31 7.93 6.91
C GLN A 42 -22.78 7.76 7.01
N GLU A 43 -22.25 6.55 6.88
CA GLU A 43 -20.79 6.25 7.06
C GLU A 43 -20.36 6.79 8.43
N SER A 44 -21.21 6.64 9.45
CA SER A 44 -21.05 7.22 10.81
C SER A 44 -19.72 6.81 11.40
N VAL A 45 -19.04 7.77 12.01
CA VAL A 45 -17.81 7.57 12.80
C VAL A 45 -18.05 8.16 14.17
N HIS A 46 -17.63 7.49 15.23
CA HIS A 46 -17.82 7.95 16.64
C HIS A 46 -16.48 7.88 17.38
N ALA A 47 -15.88 9.05 17.65
CA ALA A 47 -14.72 9.22 18.55
C ALA A 47 -15.19 8.87 19.97
N ARG A 48 -14.40 8.10 20.71
CA ARG A 48 -14.86 7.57 22.02
C ARG A 48 -16.26 6.97 21.84
N GLY A 49 -16.38 6.06 20.88
CA GLY A 49 -17.59 5.28 20.63
C GLY A 49 -17.58 3.97 21.37
N ALA A 50 -18.65 3.21 21.23
CA ALA A 50 -18.83 1.91 21.91
C ALA A 50 -19.77 1.05 21.05
N VAL A 51 -19.61 -0.27 21.16
CA VAL A 51 -20.48 -1.28 20.52
C VAL A 51 -20.93 -2.23 21.62
N LEU A 52 -22.24 -2.41 21.73
CA LEU A 52 -22.88 -3.37 22.67
C LEU A 52 -23.45 -4.50 21.82
N THR A 53 -23.02 -5.73 22.10
CA THR A 53 -23.48 -6.96 21.42
C THR A 53 -24.09 -7.86 22.49
N VAL A 54 -25.14 -8.61 22.13
CA VAL A 54 -25.76 -9.67 22.96
C VAL A 54 -25.82 -10.93 22.08
N ASP A 55 -25.21 -12.02 22.53
CA ASP A 55 -25.03 -13.24 21.71
C ASP A 55 -24.41 -12.81 20.38
N ASP A 56 -25.08 -13.02 19.24
CA ASP A 56 -24.46 -12.96 17.89
C ASP A 56 -24.70 -11.59 17.24
N LYS A 57 -25.43 -10.67 17.89
CA LYS A 57 -25.96 -9.43 17.27
C LYS A 57 -25.49 -8.15 17.97
N VAL A 58 -25.29 -7.10 17.18
CA VAL A 58 -25.15 -5.70 17.65
C VAL A 58 -26.52 -5.26 18.14
N VAL A 59 -26.61 -4.72 19.36
CA VAL A 59 -27.89 -4.13 19.88
C VAL A 59 -27.74 -2.61 19.96
N ALA A 60 -26.58 -2.07 20.30
CA ALA A 60 -26.35 -0.60 20.35
C ALA A 60 -24.96 -0.25 19.81
N VAL A 61 -24.85 0.90 19.15
CA VAL A 61 -23.55 1.43 18.64
C VAL A 61 -23.71 2.95 18.49
N GLY A 62 -22.78 3.73 19.03
CA GLY A 62 -22.83 5.19 19.01
C GLY A 62 -21.81 5.78 19.97
N PRO A 63 -21.98 7.06 20.39
CA PRO A 63 -21.21 7.59 21.50
C PRO A 63 -21.36 6.69 22.73
N ALA A 64 -20.29 6.62 23.53
CA ALA A 64 -20.12 5.77 24.74
C ALA A 64 -21.29 5.98 25.71
N VAL A 65 -21.61 7.24 26.02
CA VAL A 65 -22.73 7.62 26.94
C VAL A 65 -24.07 7.11 26.40
N GLU A 66 -24.34 7.25 25.09
CA GLU A 66 -25.60 6.79 24.43
C GLU A 66 -25.74 5.27 24.54
N VAL A 67 -24.62 4.56 24.32
CA VAL A 67 -24.53 3.08 24.37
C VAL A 67 -24.75 2.64 25.82
N GLU A 68 -24.12 3.32 26.77
CA GLU A 68 -24.21 3.01 28.23
C GLU A 68 -25.67 3.00 28.67
N GLN A 69 -26.53 3.82 28.05
CA GLN A 69 -27.99 3.85 28.29
C GLN A 69 -28.62 2.53 27.81
N ALA A 70 -28.22 2.03 26.64
CA ALA A 70 -28.68 0.72 26.11
C ALA A 70 -28.30 -0.40 27.10
N VAL A 71 -27.10 -0.30 27.71
CA VAL A 71 -26.58 -1.26 28.73
C VAL A 71 -27.53 -1.29 29.92
N GLN A 72 -27.92 -0.12 30.43
CA GLN A 72 -28.79 0.01 31.63
C GLN A 72 -30.23 -0.35 31.26
N ALA A 73 -30.51 -0.65 30.00
CA ALA A 73 -31.85 -1.02 29.48
C ALA A 73 -31.94 -2.53 29.23
N LEU A 74 -30.83 -3.26 29.32
CA LEU A 74 -30.80 -4.74 29.19
C LEU A 74 -31.61 -5.37 30.32
N ASP A 75 -32.09 -6.60 30.11
CA ASP A 75 -32.55 -7.52 31.16
C ASP A 75 -31.42 -7.60 32.20
N PRO A 76 -31.70 -7.41 33.52
CA PRO A 76 -30.67 -7.50 34.55
C PRO A 76 -29.81 -8.78 34.59
N ALA A 77 -30.34 -9.94 34.15
CA ALA A 77 -29.60 -11.21 34.00
C ALA A 77 -28.47 -11.07 32.96
N VAL A 78 -28.81 -10.51 31.79
CA VAL A 78 -27.87 -10.19 30.68
C VAL A 78 -26.80 -9.23 31.22
N ARG A 79 -27.20 -8.14 31.88
CA ARG A 79 -26.28 -7.10 32.43
C ARG A 79 -25.33 -7.73 33.46
N ALA A 80 -25.79 -8.73 34.21
CA ALA A 80 -25.04 -9.40 35.30
C ALA A 80 -23.73 -10.03 34.77
N GLU A 81 -23.76 -10.63 33.57
N GLU A 81 -23.77 -10.64 33.58
CA GLU A 81 -22.61 -11.38 32.99
CA GLU A 81 -22.60 -11.38 33.00
C GLU A 81 -21.99 -10.60 31.83
C GLU A 81 -21.98 -10.60 31.84
N LEU A 82 -22.37 -9.32 31.67
CA LEU A 82 -21.79 -8.41 30.64
C LEU A 82 -20.26 -8.41 30.79
N ARG A 83 -19.54 -8.60 29.69
CA ARG A 83 -18.05 -8.50 29.65
C ARG A 83 -17.68 -7.15 29.02
N ARG A 84 -16.83 -6.37 29.70
CA ARG A 84 -16.33 -5.07 29.21
C ARG A 84 -14.98 -5.27 28.53
N LEU A 85 -14.83 -4.79 27.30
CA LEU A 85 -13.54 -4.74 26.58
C LEU A 85 -13.15 -3.26 26.42
N ASP A 86 -12.05 -2.85 27.09
CA ASP A 86 -11.48 -1.48 26.97
C ASP A 86 -10.77 -1.37 25.61
N ALA A 87 -11.37 -0.65 24.66
CA ALA A 87 -10.82 -0.49 23.29
C ALA A 87 -10.31 0.94 23.10
N SER A 88 -10.03 1.68 24.19
CA SER A 88 -9.65 3.11 24.16
C SER A 88 -8.35 3.34 23.35
N ARG A 89 -7.50 2.32 23.23
CA ARG A 89 -6.25 2.39 22.42
C ARG A 89 -6.45 1.64 21.09
N MET A 90 -7.69 1.52 20.64
CA MET A 90 -8.04 0.72 19.44
CA MET A 90 -8.05 0.71 19.45
C MET A 90 -9.01 1.49 18.54
N MET A 91 -9.03 1.10 17.27
CA MET A 91 -10.04 1.50 16.28
C MET A 91 -10.94 0.27 16.08
N VAL A 92 -12.24 0.46 15.95
CA VAL A 92 -13.22 -0.62 15.70
C VAL A 92 -13.77 -0.47 14.27
N LEU A 93 -13.79 -1.56 13.52
CA LEU A 93 -14.27 -1.59 12.11
C LEU A 93 -15.31 -2.69 12.03
N PRO A 94 -16.24 -2.64 11.06
CA PRO A 94 -17.03 -3.82 10.72
C PRO A 94 -16.07 -4.86 10.15
N GLY A 95 -16.43 -6.15 10.27
CA GLY A 95 -15.67 -7.22 9.60
C GLY A 95 -15.58 -6.99 8.10
N PHE A 96 -14.44 -7.27 7.49
CA PHE A 96 -14.27 -7.12 6.01
C PHE A 96 -15.10 -8.20 5.30
N VAL A 97 -15.72 -7.82 4.19
CA VAL A 97 -16.51 -8.73 3.32
C VAL A 97 -15.76 -8.80 1.99
N ASN A 98 -15.01 -9.87 1.82
CA ASN A 98 -14.20 -10.13 0.61
C ASN A 98 -15.08 -10.97 -0.32
N ALA A 99 -15.82 -10.35 -1.24
CA ALA A 99 -16.92 -11.01 -1.97
C ALA A 99 -16.38 -11.61 -3.27
N HIS A 100 -15.13 -11.33 -3.64
CA HIS A 100 -14.55 -11.84 -4.90
C HIS A 100 -13.15 -12.37 -4.59
N TRP A 101 -13.08 -13.68 -4.41
CA TRP A 101 -11.88 -14.39 -3.94
C TRP A 101 -11.83 -15.76 -4.61
N HIS A 102 -10.62 -16.29 -4.79
CA HIS A 102 -10.43 -17.66 -5.30
C HIS A 102 -9.42 -18.35 -4.40
N GLU A 103 -9.75 -19.57 -3.96
CA GLU A 103 -8.79 -20.44 -3.24
C GLU A 103 -7.88 -21.07 -4.29
N MET A 104 -6.61 -20.69 -4.31
CA MET A 104 -5.61 -21.19 -5.29
C MET A 104 -4.31 -21.60 -4.62
N PHE A 105 -4.29 -21.81 -3.28
CA PHE A 105 -3.07 -22.18 -2.51
C PHE A 105 -2.52 -23.54 -2.95
N ALA A 106 -3.35 -24.41 -3.56
CA ALA A 106 -2.86 -25.71 -4.07
C ALA A 106 -1.80 -25.46 -5.16
N MET A 107 -1.73 -24.26 -5.76
CA MET A 107 -0.78 -23.96 -6.88
C MET A 107 0.43 -23.15 -6.39
N GLY A 108 0.59 -23.02 -5.07
CA GLY A 108 1.70 -22.25 -4.45
C GLY A 108 3.06 -22.71 -4.93
N PHE A 109 3.20 -24.00 -5.23
CA PHE A 109 4.52 -24.64 -5.51
C PHE A 109 4.70 -24.82 -7.01
N THR A 110 4.50 -23.74 -7.77
CA THR A 110 4.70 -23.63 -9.23
C THR A 110 5.59 -22.41 -9.56
N MET A 111 5.68 -22.06 -10.85
CA MET A 111 6.51 -20.93 -11.37
C MET A 111 5.75 -19.60 -11.30
N ARG A 112 4.58 -19.55 -10.62
CA ARG A 112 3.92 -18.32 -10.11
C ARG A 112 4.29 -18.08 -8.63
N GLY A 113 4.88 -19.07 -7.96
CA GLY A 113 5.13 -19.04 -6.51
C GLY A 113 6.51 -19.54 -6.14
N ALA A 114 6.56 -20.68 -5.45
CA ALA A 114 7.70 -21.16 -4.64
C ALA A 114 8.85 -21.61 -5.54
N LEU A 115 8.64 -21.92 -6.81
CA LEU A 115 9.72 -22.50 -7.66
C LEU A 115 10.52 -21.42 -8.40
N ARG A 116 10.09 -20.15 -8.35
CA ARG A 116 10.75 -19.05 -9.10
C ARG A 116 12.14 -18.83 -8.53
N PRO A 117 13.09 -18.36 -9.36
CA PRO A 117 14.37 -17.88 -8.83
C PRO A 117 14.10 -16.64 -7.97
N PRO A 118 14.94 -16.41 -6.93
CA PRO A 118 14.84 -15.19 -6.12
C PRO A 118 14.94 -13.88 -6.93
N SER A 119 15.81 -13.85 -7.94
CA SER A 119 15.95 -12.72 -8.90
C SER A 119 14.66 -12.63 -9.72
N ASP A 120 14.10 -11.43 -9.84
CA ASP A 120 12.91 -11.19 -10.69
C ASP A 120 13.34 -10.66 -12.08
N ARG A 121 14.64 -10.57 -12.41
CA ARG A 121 15.07 -9.76 -13.59
C ARG A 121 14.61 -10.42 -14.91
N ALA A 122 14.42 -11.74 -14.95
CA ALA A 122 14.09 -12.46 -16.20
C ALA A 122 12.57 -12.55 -16.36
N ASP A 123 11.78 -11.94 -15.47
CA ASP A 123 10.30 -12.07 -15.51
C ASP A 123 9.79 -11.51 -16.86
N GLN A 124 8.69 -12.06 -17.34
CA GLN A 124 8.14 -11.77 -18.68
C GLN A 124 6.67 -11.35 -18.53
N VAL A 125 6.19 -10.57 -19.49
CA VAL A 125 4.72 -10.29 -19.59
C VAL A 125 4.04 -11.64 -19.90
N ALA A 126 3.18 -12.12 -19.04
CA ALA A 126 2.56 -13.45 -19.21
C ALA A 126 1.11 -13.36 -18.80
N PHE A 127 0.31 -14.33 -19.28
CA PHE A 127 -1.02 -14.71 -18.74
C PHE A 127 -1.97 -13.50 -18.87
N MET A 128 -2.27 -12.82 -17.76
CA MET A 128 -3.21 -11.67 -17.77
C MET A 128 -2.51 -10.44 -18.36
N GLY A 129 -1.18 -10.44 -18.46
CA GLY A 129 -0.40 -9.25 -18.83
C GLY A 129 -0.49 -8.91 -20.31
N GLY A 130 -0.16 -7.67 -20.66
CA GLY A 130 -0.06 -7.21 -22.06
C GLY A 130 -1.40 -7.25 -22.79
N GLY A 131 -2.51 -7.07 -22.07
CA GLY A 131 -3.86 -7.08 -22.65
C GLY A 131 -4.56 -8.42 -22.46
N GLY A 132 -3.80 -9.47 -22.11
CA GLY A 132 -4.34 -10.82 -21.83
C GLY A 132 -4.02 -11.79 -22.97
N ASP A 133 -3.34 -12.90 -22.66
CA ASP A 133 -3.18 -14.07 -23.57
C ASP A 133 -4.48 -14.88 -23.46
N MET A 134 -5.48 -14.57 -24.27
CA MET A 134 -6.87 -15.09 -24.12
C MET A 134 -6.93 -16.62 -24.33
N HIS A 135 -6.21 -17.19 -25.30
CA HIS A 135 -6.10 -18.67 -25.53
C HIS A 135 -5.60 -19.36 -24.25
N GLN A 136 -4.52 -18.85 -23.65
CA GLN A 136 -3.85 -19.47 -22.47
C GLN A 136 -4.78 -19.37 -21.27
N ILE A 137 -5.39 -18.21 -21.06
CA ILE A 137 -6.30 -17.97 -19.89
C ILE A 137 -7.46 -18.94 -20.02
N SER A 138 -8.03 -19.07 -21.22
CA SER A 138 -9.24 -19.91 -21.42
C SER A 138 -8.88 -21.39 -21.21
N ALA A 139 -7.75 -21.85 -21.79
CA ALA A 139 -7.25 -23.24 -21.70
C ALA A 139 -6.93 -23.54 -20.23
N THR A 140 -6.30 -22.59 -19.55
CA THR A 140 -5.96 -22.75 -18.11
C THR A 140 -7.24 -22.98 -17.32
N PHE A 141 -8.26 -22.14 -17.49
CA PHE A 141 -9.52 -22.23 -16.68
C PHE A 141 -10.24 -23.55 -16.97
N ASP A 142 -10.17 -24.07 -18.20
CA ASP A 142 -10.92 -25.31 -18.53
C ASP A 142 -10.25 -26.51 -17.85
N ARG A 143 -9.00 -26.39 -17.37
CA ARG A 143 -8.27 -27.53 -16.74
C ARG A 143 -8.57 -27.64 -15.23
N PHE A 144 -9.30 -26.72 -14.62
CA PHE A 144 -9.52 -26.73 -13.14
C PHE A 144 -10.24 -28.01 -12.72
N ASP A 145 -11.31 -28.41 -13.44
CA ASP A 145 -12.15 -29.60 -13.05
C ASP A 145 -11.23 -30.81 -12.86
N GLY A 146 -10.34 -31.10 -13.82
CA GLY A 146 -9.42 -32.25 -13.80
C GLY A 146 -8.45 -32.20 -12.61
N LEU A 147 -8.02 -31.01 -12.20
CA LEU A 147 -7.08 -30.87 -11.05
C LEU A 147 -7.81 -30.92 -9.70
N ILE A 148 -8.98 -30.31 -9.60
CA ILE A 148 -9.84 -30.47 -8.38
C ILE A 148 -10.08 -31.98 -8.15
N GLU A 149 -10.42 -32.72 -9.21
CA GLU A 149 -10.67 -34.18 -9.14
C GLU A 149 -9.45 -34.91 -8.58
N ALA A 150 -8.22 -34.48 -8.90
CA ALA A 150 -6.96 -35.16 -8.50
C ALA A 150 -6.70 -35.00 -7.00
N MET A 151 -7.37 -34.04 -6.36
CA MET A 151 -7.15 -33.64 -4.94
C MET A 151 -7.88 -34.61 -4.02
N THR A 152 -7.23 -35.04 -2.92
CA THR A 152 -7.87 -35.83 -1.83
C THR A 152 -8.73 -34.89 -0.98
N GLU A 153 -9.73 -35.39 -0.28
CA GLU A 153 -10.56 -34.55 0.64
C GLU A 153 -9.65 -33.97 1.74
N ASP A 154 -8.66 -34.74 2.22
CA ASP A 154 -7.75 -34.26 3.30
C ASP A 154 -6.89 -33.11 2.76
N GLU A 155 -6.33 -33.24 1.55
CA GLU A 155 -5.52 -32.16 0.93
C GLU A 155 -6.39 -30.91 0.81
N ALA A 156 -7.58 -31.06 0.24
CA ALA A 156 -8.57 -29.98 0.04
C ALA A 156 -8.77 -29.22 1.35
N ARG A 157 -9.11 -29.93 2.41
CA ARG A 157 -9.52 -29.32 3.70
C ARG A 157 -8.33 -28.59 4.32
N ALA A 158 -7.14 -29.21 4.30
CA ALA A 158 -5.92 -28.64 4.92
C ALA A 158 -5.50 -27.39 4.14
N ILE A 159 -5.47 -27.45 2.80
CA ILE A 159 -5.18 -26.25 1.96
C ILE A 159 -6.30 -25.20 2.14
N ALA A 160 -7.56 -25.58 2.07
CA ALA A 160 -8.67 -24.61 2.20
C ALA A 160 -8.55 -23.91 3.55
N GLU A 161 -8.37 -24.69 4.60
CA GLU A 161 -8.42 -24.18 5.98
C GLU A 161 -7.33 -23.13 6.17
N TYR A 162 -6.11 -23.41 5.71
CA TYR A 162 -4.99 -22.47 5.84
C TYR A 162 -5.27 -21.22 4.99
N SER A 163 -5.62 -21.39 3.70
CA SER A 163 -5.95 -20.30 2.75
C SER A 163 -7.01 -19.38 3.37
N MET A 164 -8.05 -19.97 3.97
CA MET A 164 -9.20 -19.20 4.54
C MET A 164 -8.79 -18.55 5.89
N TRP A 165 -7.94 -19.21 6.67
CA TRP A 165 -7.32 -18.62 7.89
C TRP A 165 -6.59 -17.31 7.53
N ILE A 166 -5.82 -17.31 6.45
CA ILE A 166 -5.09 -16.10 6.00
C ILE A 166 -6.11 -14.98 5.74
N GLN A 167 -7.23 -15.25 5.09
CA GLN A 167 -8.29 -14.24 4.91
C GLN A 167 -8.77 -13.75 6.30
N LEU A 168 -9.12 -14.65 7.19
CA LEU A 168 -9.65 -14.33 8.55
C LEU A 168 -8.66 -13.47 9.33
N ARG A 169 -7.38 -13.84 9.29
CA ARG A 169 -6.27 -13.18 10.01
C ARG A 169 -6.22 -11.70 9.59
N GLY A 170 -6.56 -11.42 8.34
CA GLY A 170 -6.51 -10.07 7.75
C GLY A 170 -7.80 -9.32 7.97
N GLY A 171 -8.73 -9.87 8.75
CA GLY A 171 -9.99 -9.20 9.15
C GLY A 171 -11.19 -9.54 8.23
N VAL A 172 -11.05 -10.52 7.32
CA VAL A 172 -12.18 -11.03 6.51
C VAL A 172 -13.08 -11.96 7.35
N THR A 173 -14.30 -11.52 7.67
CA THR A 173 -15.33 -12.27 8.45
C THR A 173 -16.36 -12.90 7.51
N THR A 174 -16.57 -12.32 6.32
CA THR A 174 -17.41 -12.92 5.25
C THR A 174 -16.60 -13.02 3.96
N LEU A 175 -16.45 -14.25 3.46
CA LEU A 175 -15.64 -14.57 2.25
C LEU A 175 -16.54 -15.11 1.12
N GLY A 176 -16.35 -14.58 -0.10
CA GLY A 176 -17.07 -14.96 -1.32
C GLY A 176 -16.19 -15.71 -2.31
N ASP A 177 -16.53 -16.97 -2.56
CA ASP A 177 -15.90 -17.87 -3.56
C ASP A 177 -16.44 -17.52 -4.94
N MET A 178 -15.58 -17.08 -5.86
CA MET A 178 -15.99 -16.85 -7.27
C MET A 178 -15.27 -17.85 -8.19
N GLY A 179 -14.98 -19.04 -7.68
CA GLY A 179 -14.38 -20.15 -8.44
C GLY A 179 -12.99 -20.46 -7.94
N SER A 180 -12.82 -21.64 -7.30
CA SER A 180 -11.57 -22.05 -6.59
C SER A 180 -11.02 -23.35 -7.19
N LEU A 181 -9.70 -23.52 -7.17
CA LEU A 181 -9.11 -24.86 -7.42
C LEU A 181 -9.06 -25.60 -6.07
N ASN A 182 -10.24 -26.01 -5.61
CA ASN A 182 -10.43 -26.73 -4.32
C ASN A 182 -11.81 -27.40 -4.36
N ARG A 183 -12.05 -28.31 -3.43
CA ARG A 183 -13.35 -29.04 -3.33
C ARG A 183 -14.31 -28.14 -2.57
N PRO A 184 -15.49 -27.81 -3.16
CA PRO A 184 -16.47 -26.93 -2.51
C PRO A 184 -16.81 -27.29 -1.06
N LEU A 185 -17.01 -28.58 -0.78
CA LEU A 185 -17.43 -29.07 0.57
C LEU A 185 -16.23 -29.08 1.53
N ALA A 186 -15.00 -29.18 1.02
CA ALA A 186 -13.80 -28.98 1.85
C ALA A 186 -13.74 -27.51 2.28
N MET A 187 -14.00 -26.58 1.36
CA MET A 187 -14.02 -25.13 1.68
C MET A 187 -15.15 -24.82 2.67
N VAL A 188 -16.31 -25.47 2.56
CA VAL A 188 -17.44 -25.30 3.53
C VAL A 188 -16.99 -25.79 4.92
N GLU A 189 -16.41 -26.98 5.00
CA GLU A 189 -15.88 -27.54 6.28
C GLU A 189 -14.85 -26.58 6.87
N ALA A 190 -13.95 -26.02 6.05
CA ALA A 190 -12.91 -25.07 6.51
C ALA A 190 -13.59 -23.85 7.17
N ALA A 191 -14.62 -23.27 6.54
CA ALA A 191 -15.34 -22.08 7.04
C ALA A 191 -16.01 -22.43 8.38
N ARG A 192 -16.60 -23.61 8.44
CA ARG A 192 -17.31 -24.11 9.65
C ARG A 192 -16.31 -24.19 10.82
N ARG A 193 -15.16 -24.83 10.62
CA ARG A 193 -14.13 -24.99 11.69
C ARG A 193 -13.58 -23.62 12.13
N LEU A 194 -13.38 -22.70 11.19
CA LEU A 194 -12.70 -21.40 11.48
C LEU A 194 -13.68 -20.47 12.20
N GLY A 195 -14.99 -20.58 11.93
CA GLY A 195 -16.00 -19.72 12.57
C GLY A 195 -16.38 -18.54 11.68
N MET A 196 -15.82 -18.45 10.48
CA MET A 196 -16.10 -17.29 9.59
C MET A 196 -17.33 -17.58 8.70
N ARG A 197 -17.82 -16.56 7.99
CA ARG A 197 -18.92 -16.67 7.01
C ARG A 197 -18.31 -16.93 5.62
N PHE A 198 -19.01 -17.70 4.79
CA PHE A 198 -18.50 -18.17 3.47
C PHE A 198 -19.68 -18.34 2.52
N SER A 199 -19.61 -17.68 1.37
CA SER A 199 -20.46 -17.93 0.18
C SER A 199 -19.68 -18.89 -0.72
N ALA A 200 -20.05 -20.17 -0.65
CA ALA A 200 -19.42 -21.28 -1.39
C ALA A 200 -19.87 -21.22 -2.85
N SER A 201 -19.01 -21.69 -3.76
CA SER A 201 -19.36 -21.86 -5.20
C SER A 201 -18.75 -23.16 -5.74
N THR A 202 -18.95 -23.41 -7.04
CA THR A 202 -18.36 -24.54 -7.79
C THR A 202 -17.69 -23.97 -9.00
N TRP A 203 -16.80 -24.76 -9.61
CA TRP A 203 -16.09 -24.34 -10.83
C TRP A 203 -17.05 -24.49 -12.03
N ALA A 204 -17.20 -23.46 -12.86
CA ALA A 204 -18.07 -23.53 -14.05
C ALA A 204 -17.29 -23.11 -15.30
N SER A 205 -16.91 -24.07 -16.15
CA SER A 205 -16.31 -23.87 -17.50
C SER A 205 -16.88 -24.91 -18.46
N ASP A 206 -17.53 -24.50 -19.55
CA ASP A 206 -18.04 -25.45 -20.56
C ASP A 206 -17.60 -25.07 -21.99
N ALA A 207 -16.69 -24.09 -22.16
CA ALA A 207 -16.15 -23.68 -23.47
C ALA A 207 -14.65 -23.32 -23.33
N VAL A 208 -13.91 -23.50 -24.43
CA VAL A 208 -12.47 -23.11 -24.51
C VAL A 208 -12.22 -22.42 -25.87
N LEU A 209 -11.40 -21.36 -25.90
CA LEU A 209 -10.98 -20.66 -27.13
C LEU A 209 -9.75 -21.37 -27.71
N ALA A 210 -9.97 -22.43 -28.49
CA ALA A 210 -8.91 -23.27 -29.11
C ALA A 210 -8.30 -22.49 -30.28
N PRO A 211 -6.96 -22.31 -30.34
CA PRO A 211 -6.31 -21.55 -31.44
C PRO A 211 -6.39 -22.28 -32.81
N ASP A 212 -6.61 -23.60 -32.81
CA ASP A 212 -6.77 -24.39 -34.06
C ASP A 212 -8.19 -24.23 -34.62
N ARG A 213 -9.05 -23.43 -34.01
CA ARG A 213 -10.44 -23.17 -34.49
C ARG A 213 -10.70 -21.66 -34.56
N SER A 214 -11.67 -21.24 -35.38
CA SER A 214 -12.25 -19.88 -35.42
C SER A 214 -13.67 -19.87 -34.81
N ARG A 215 -13.94 -20.77 -33.85
CA ARG A 215 -15.19 -20.79 -33.03
C ARG A 215 -14.92 -21.54 -31.73
N PHE A 216 -15.59 -21.15 -30.64
CA PHE A 216 -15.43 -21.74 -29.29
C PHE A 216 -15.58 -23.26 -29.40
N LEU A 217 -14.75 -24.00 -28.68
CA LEU A 217 -14.94 -25.47 -28.53
C LEU A 217 -15.71 -25.73 -27.23
N ARG A 218 -16.86 -26.40 -27.33
CA ARG A 218 -17.66 -26.82 -26.15
C ARG A 218 -16.91 -27.97 -25.49
N THR A 219 -16.71 -27.90 -24.18
CA THR A 219 -15.80 -28.80 -23.42
C THR A 219 -16.59 -29.69 -22.46
N ARG A 220 -17.86 -29.39 -22.20
CA ARG A 220 -18.69 -30.01 -21.12
C ARG A 220 -20.16 -29.75 -21.40
N ASP A 221 -21.03 -30.61 -20.87
CA ASP A 221 -22.50 -30.40 -20.92
C ASP A 221 -22.84 -29.35 -19.86
N ALA A 222 -23.53 -28.27 -20.27
CA ALA A 222 -24.03 -27.20 -19.39
C ALA A 222 -24.77 -27.80 -18.19
N ASP A 223 -25.59 -28.83 -18.42
CA ASP A 223 -26.43 -29.52 -17.39
C ASP A 223 -25.56 -30.10 -16.27
N THR A 224 -24.39 -30.65 -16.61
CA THR A 224 -23.45 -31.28 -15.65
C THR A 224 -22.90 -30.19 -14.72
N VAL A 225 -22.38 -29.12 -15.34
CA VAL A 225 -21.84 -27.93 -14.63
C VAL A 225 -22.91 -27.41 -13.66
N LEU A 226 -24.16 -27.24 -14.13
CA LEU A 226 -25.29 -26.70 -13.31
C LEU A 226 -25.70 -27.69 -12.21
N ALA A 227 -25.58 -29.00 -12.46
CA ALA A 227 -25.87 -30.08 -11.47
C ALA A 227 -24.86 -30.05 -10.30
N SER A 228 -23.57 -29.80 -10.57
CA SER A 228 -22.51 -29.62 -9.54
C SER A 228 -22.90 -28.54 -8.54
N PHE A 229 -23.37 -27.40 -9.04
CA PHE A 229 -23.78 -26.26 -8.20
C PHE A 229 -25.05 -26.64 -7.42
N GLU A 230 -26.02 -27.30 -8.05
CA GLU A 230 -27.28 -27.78 -7.40
C GLU A 230 -26.91 -28.68 -6.19
N ALA A 231 -25.95 -29.60 -6.36
CA ALA A 231 -25.50 -30.54 -5.31
C ALA A 231 -24.87 -29.75 -4.14
N LEU A 232 -24.01 -28.78 -4.44
CA LEU A 232 -23.46 -27.88 -3.39
C LEU A 232 -24.61 -27.17 -2.66
N LEU A 233 -25.54 -26.57 -3.41
CA LEU A 233 -26.66 -25.79 -2.82
C LEU A 233 -27.43 -26.69 -1.83
N GLY A 234 -27.71 -27.94 -2.21
CA GLY A 234 -28.39 -28.95 -1.36
C GLY A 234 -27.66 -29.17 -0.05
N ALA A 235 -26.34 -29.35 -0.10
CA ALA A 235 -25.47 -29.60 1.08
C ALA A 235 -25.46 -28.38 2.00
N VAL A 236 -25.32 -27.15 1.47
CA VAL A 236 -25.25 -25.90 2.30
C VAL A 236 -26.63 -25.62 2.91
N ALA A 237 -27.71 -26.01 2.23
CA ALA A 237 -29.08 -25.78 2.74
C ALA A 237 -29.23 -26.42 4.14
N ALA A 238 -28.62 -27.58 4.36
CA ALA A 238 -28.65 -28.33 5.63
C ALA A 238 -28.00 -27.51 6.77
N ASP A 239 -27.02 -26.63 6.49
CA ASP A 239 -26.25 -25.89 7.52
C ASP A 239 -27.20 -25.05 8.39
N PRO A 240 -27.14 -25.18 9.74
CA PRO A 240 -28.00 -24.40 10.63
C PRO A 240 -27.37 -23.12 11.24
N THR A 241 -26.08 -22.86 10.98
CA THR A 241 -25.28 -21.80 11.67
C THR A 241 -25.66 -20.40 11.14
N GLY A 242 -26.22 -20.31 9.93
CA GLY A 242 -26.39 -19.04 9.21
C GLY A 242 -25.07 -18.47 8.69
N ARG A 243 -23.94 -19.17 8.85
CA ARG A 243 -22.60 -18.66 8.43
C ARG A 243 -22.26 -19.09 7.00
N ILE A 244 -23.01 -20.05 6.42
CA ILE A 244 -22.72 -20.62 5.07
C ILE A 244 -23.88 -20.27 4.12
N ARG A 245 -23.56 -19.65 2.99
CA ARG A 245 -24.46 -19.43 1.83
C ARG A 245 -23.76 -19.96 0.59
N CYS A 246 -24.38 -19.81 -0.56
CA CYS A 246 -23.73 -20.14 -1.84
C CYS A 246 -24.24 -19.24 -2.95
N ARG A 247 -23.39 -19.07 -3.94
CA ARG A 247 -23.65 -18.26 -5.15
C ARG A 247 -22.98 -18.95 -6.33
N PRO A 248 -23.74 -19.21 -7.42
CA PRO A 248 -23.15 -19.76 -8.63
C PRO A 248 -22.29 -18.69 -9.32
N ASN A 249 -21.16 -19.13 -9.87
CA ASN A 249 -20.32 -18.29 -10.75
C ASN A 249 -20.19 -18.97 -12.10
N VAL A 250 -19.88 -18.18 -13.13
CA VAL A 250 -19.20 -18.67 -14.37
C VAL A 250 -17.73 -18.25 -14.25
N SER A 251 -16.79 -19.16 -14.50
CA SER A 251 -15.32 -18.90 -14.42
C SER A 251 -14.98 -17.57 -15.12
N TYR A 252 -15.40 -17.45 -16.37
CA TYR A 252 -15.09 -16.32 -17.26
C TYR A 252 -16.03 -16.44 -18.46
N VAL A 253 -16.53 -15.32 -18.96
CA VAL A 253 -17.48 -15.34 -20.12
C VAL A 253 -16.82 -16.01 -21.36
N THR A 254 -15.48 -16.05 -21.46
CA THR A 254 -14.76 -16.78 -22.55
C THR A 254 -15.14 -18.25 -22.53
N ASN A 255 -15.33 -18.80 -21.32
CA ASN A 255 -15.49 -20.25 -21.04
C ASN A 255 -16.96 -20.54 -20.72
N MET A 256 -17.89 -19.78 -21.32
CA MET A 256 -19.35 -19.86 -21.04
C MET A 256 -20.10 -20.03 -22.36
N THR A 257 -20.80 -21.14 -22.56
CA THR A 257 -21.75 -21.30 -23.70
C THR A 257 -23.04 -20.53 -23.40
N ASP A 258 -23.85 -20.27 -24.43
CA ASP A 258 -25.21 -19.69 -24.28
C ASP A 258 -26.02 -20.58 -23.35
N GLU A 259 -25.85 -21.91 -23.45
CA GLU A 259 -26.62 -22.93 -22.66
C GLU A 259 -26.24 -22.80 -21.18
N LEU A 260 -24.97 -22.56 -20.87
CA LEU A 260 -24.54 -22.33 -19.45
C LEU A 260 -25.10 -21.00 -18.93
N ALA A 261 -25.01 -19.92 -19.73
CA ALA A 261 -25.50 -18.58 -19.35
C ALA A 261 -27.01 -18.65 -19.01
N ARG A 262 -27.82 -19.33 -19.85
CA ARG A 262 -29.31 -19.41 -19.68
C ARG A 262 -29.64 -20.35 -18.51
N GLY A 263 -28.90 -21.45 -18.38
CA GLY A 263 -29.03 -22.39 -17.24
C GLY A 263 -28.74 -21.69 -15.92
N MET A 264 -27.72 -20.85 -15.89
CA MET A 264 -27.38 -20.00 -14.71
C MET A 264 -28.52 -19.01 -14.41
N ALA A 265 -29.04 -18.30 -15.42
CA ALA A 265 -30.18 -17.36 -15.28
C ALA A 265 -31.37 -18.09 -14.64
N GLU A 266 -31.69 -19.30 -15.13
CA GLU A 266 -32.84 -20.11 -14.63
C GLU A 266 -32.59 -20.50 -13.17
N LEU A 267 -31.37 -20.96 -12.85
CA LEU A 267 -30.97 -21.49 -11.52
C LEU A 267 -31.04 -20.38 -10.45
N VAL A 268 -30.57 -19.15 -10.74
CA VAL A 268 -30.54 -18.04 -9.75
C VAL A 268 -31.97 -17.49 -9.58
N GLU A 269 -32.78 -17.47 -10.64
CA GLU A 269 -34.20 -17.03 -10.56
C GLU A 269 -34.98 -18.03 -9.70
N ARG A 270 -34.79 -19.33 -9.91
CA ARG A 270 -35.56 -20.39 -9.22
C ARG A 270 -35.24 -20.36 -7.72
N HIS A 271 -33.95 -20.29 -7.36
CA HIS A 271 -33.48 -20.40 -5.97
C HIS A 271 -33.30 -19.02 -5.31
N ASP A 272 -33.60 -17.93 -6.04
CA ASP A 272 -33.43 -16.53 -5.56
C ASP A 272 -32.00 -16.37 -5.01
N LEU A 273 -31.01 -16.39 -5.91
CA LEU A 273 -29.58 -16.33 -5.55
C LEU A 273 -28.91 -15.13 -6.21
N PRO A 274 -27.76 -14.71 -5.67
CA PRO A 274 -26.85 -13.86 -6.45
C PRO A 274 -26.16 -14.66 -7.57
N PHE A 275 -25.44 -13.95 -8.44
CA PHE A 275 -24.70 -14.52 -9.59
C PHE A 275 -23.41 -13.71 -9.76
N ALA A 276 -22.30 -14.39 -10.08
CA ALA A 276 -20.98 -13.73 -10.23
C ALA A 276 -20.21 -14.34 -11.42
N THR A 277 -19.47 -13.49 -12.12
CA THR A 277 -18.49 -13.90 -13.16
C THR A 277 -17.43 -12.81 -13.33
N HIS A 278 -16.41 -13.07 -14.15
CA HIS A 278 -15.41 -12.09 -14.66
C HIS A 278 -15.85 -11.66 -16.06
N VAL A 279 -15.91 -10.35 -16.30
CA VAL A 279 -16.37 -9.84 -17.62
C VAL A 279 -15.80 -8.43 -17.83
N GLY A 280 -15.46 -8.11 -19.08
CA GLY A 280 -14.74 -6.88 -19.45
C GLY A 280 -13.49 -6.71 -18.62
N ALA A 281 -12.75 -7.81 -18.37
CA ALA A 281 -11.60 -7.84 -17.44
C ALA A 281 -10.29 -7.43 -18.14
N LEU A 282 -10.15 -7.69 -19.45
CA LEU A 282 -8.86 -7.52 -20.18
C LEU A 282 -9.11 -6.77 -21.49
N ARG A 283 -8.13 -5.99 -21.94
CA ARG A 283 -8.14 -5.32 -23.27
C ARG A 283 -8.45 -6.30 -24.41
N ASN A 284 -7.83 -7.50 -24.45
CA ASN A 284 -7.94 -8.46 -25.60
C ASN A 284 -9.22 -9.28 -25.50
N GLU A 285 -10.04 -9.11 -24.45
CA GLU A 285 -11.26 -9.93 -24.21
C GLU A 285 -12.29 -9.69 -25.33
N ALA A 286 -12.73 -8.46 -25.56
CA ALA A 286 -13.78 -8.11 -26.54
C ALA A 286 -13.49 -8.82 -27.88
N ASP A 287 -12.27 -8.69 -28.39
CA ASP A 287 -11.83 -9.22 -29.71
C ASP A 287 -11.94 -10.74 -29.75
N ALA A 288 -11.46 -11.44 -28.71
CA ALA A 288 -11.55 -12.92 -28.60
C ALA A 288 -13.02 -13.33 -28.48
N MET A 289 -13.82 -12.57 -27.74
CA MET A 289 -15.27 -12.86 -27.52
C MET A 289 -16.04 -12.73 -28.84
N ARG A 290 -15.80 -11.65 -29.58
CA ARG A 290 -16.42 -11.45 -30.93
C ARG A 290 -15.97 -12.58 -31.89
N ALA A 291 -14.69 -12.98 -31.88
CA ALA A 291 -14.16 -14.00 -32.82
C ALA A 291 -14.74 -15.39 -32.48
N TYR A 292 -14.87 -15.78 -31.22
CA TYR A 292 -15.21 -17.17 -30.81
C TYR A 292 -16.68 -17.33 -30.44
N HIS A 293 -17.35 -16.29 -29.94
CA HIS A 293 -18.77 -16.33 -29.48
C HIS A 293 -19.67 -15.38 -30.31
N GLY A 294 -19.07 -14.44 -31.07
CA GLY A 294 -19.80 -13.53 -31.96
C GLY A 294 -20.32 -12.29 -31.25
N GLU A 295 -19.99 -12.09 -29.97
CA GLU A 295 -20.61 -11.07 -29.09
C GLU A 295 -19.74 -10.86 -27.84
N THR A 296 -19.65 -9.62 -27.33
CA THR A 296 -18.86 -9.26 -26.12
C THR A 296 -19.56 -9.80 -24.84
N GLY A 297 -18.78 -9.85 -23.74
CA GLY A 297 -19.16 -10.45 -22.45
C GLY A 297 -20.48 -9.91 -21.91
N VAL A 298 -20.58 -8.59 -21.72
CA VAL A 298 -21.76 -7.99 -21.04
C VAL A 298 -23.02 -8.23 -21.89
N ARG A 299 -22.93 -8.11 -23.22
CA ARG A 299 -24.09 -8.35 -24.13
C ARG A 299 -24.54 -9.81 -24.04
N ARG A 300 -23.63 -10.80 -23.95
CA ARG A 300 -24.02 -12.24 -23.84
C ARG A 300 -24.73 -12.48 -22.49
N LEU A 301 -24.28 -11.84 -21.42
CA LEU A 301 -24.92 -11.93 -20.08
C LEU A 301 -26.31 -11.27 -20.17
N ALA A 302 -26.40 -10.10 -20.84
CA ALA A 302 -27.66 -9.35 -20.99
C ALA A 302 -28.69 -10.21 -21.74
N GLU A 303 -28.24 -10.93 -22.80
CA GLU A 303 -29.11 -11.81 -23.65
C GLU A 303 -29.66 -13.01 -22.85
N ALA A 304 -28.89 -13.56 -21.89
CA ALA A 304 -29.31 -14.64 -20.98
C ALA A 304 -30.18 -14.12 -19.82
N GLY A 305 -30.25 -12.80 -19.65
CA GLY A 305 -30.97 -12.09 -18.57
C GLY A 305 -30.16 -12.05 -17.28
N LEU A 306 -28.83 -12.04 -17.35
CA LEU A 306 -27.95 -12.09 -16.16
C LEU A 306 -27.46 -10.70 -15.75
N VAL A 307 -27.76 -9.65 -16.53
CA VAL A 307 -27.28 -8.27 -16.22
C VAL A 307 -28.40 -7.56 -15.43
N ASP A 308 -28.41 -7.76 -14.11
CA ASP A 308 -29.44 -7.27 -13.16
C ASP A 308 -28.77 -7.06 -11.79
N GLU A 309 -29.57 -6.76 -10.76
CA GLU A 309 -29.12 -6.46 -9.37
C GLU A 309 -28.41 -7.69 -8.78
N ARG A 310 -28.61 -8.90 -9.32
CA ARG A 310 -28.00 -10.14 -8.77
C ARG A 310 -26.53 -10.23 -9.15
N LEU A 311 -26.11 -9.55 -10.23
CA LEU A 311 -24.79 -9.73 -10.89
C LEU A 311 -23.70 -9.04 -10.06
N MET A 312 -22.69 -9.80 -9.66
CA MET A 312 -21.37 -9.24 -9.33
C MET A 312 -20.44 -9.55 -10.50
N ALA A 313 -20.04 -8.49 -11.20
CA ALA A 313 -19.08 -8.53 -12.33
C ALA A 313 -17.68 -8.21 -11.81
N GLY A 314 -16.76 -9.17 -11.86
CA GLY A 314 -15.35 -8.93 -11.50
C GLY A 314 -14.65 -8.10 -12.58
N HIS A 315 -13.99 -7.00 -12.17
CA HIS A 315 -13.12 -6.12 -12.99
C HIS A 315 -14.00 -5.17 -13.82
N SER A 316 -14.60 -5.64 -14.93
CA SER A 316 -15.73 -4.96 -15.63
C SER A 316 -15.32 -3.55 -16.04
N ALA A 317 -14.10 -3.40 -16.58
CA ALA A 317 -13.53 -2.12 -16.99
C ALA A 317 -13.58 -1.96 -18.51
N PHE A 318 -13.47 -3.04 -19.28
CA PHE A 318 -13.40 -2.96 -20.76
C PHE A 318 -14.83 -3.08 -21.31
N LEU A 319 -15.63 -2.02 -21.13
CA LEU A 319 -17.07 -1.94 -21.48
C LEU A 319 -17.24 -0.74 -22.42
N ASP A 320 -17.87 -0.94 -23.56
CA ASP A 320 -18.25 0.18 -24.45
C ASP A 320 -19.50 0.88 -23.87
N ASP A 321 -19.94 1.93 -24.57
CA ASP A 321 -21.02 2.83 -24.15
C ASP A 321 -22.32 2.04 -23.83
N GLN A 322 -22.72 1.11 -24.72
CA GLN A 322 -23.96 0.29 -24.55
C GLN A 322 -23.81 -0.64 -23.33
N GLU A 323 -22.64 -1.25 -23.14
CA GLU A 323 -22.43 -2.21 -22.03
C GLU A 323 -22.48 -1.44 -20.70
N GLN A 324 -21.89 -0.25 -20.64
CA GLN A 324 -21.95 0.64 -19.45
C GLN A 324 -23.43 0.95 -19.16
N LYS A 325 -24.20 1.30 -20.17
CA LYS A 325 -25.65 1.63 -19.99
C LYS A 325 -26.40 0.39 -19.51
N LEU A 326 -26.12 -0.82 -20.06
CA LEU A 326 -26.74 -2.09 -19.59
C LEU A 326 -26.46 -2.31 -18.10
N MET A 327 -25.23 -2.10 -17.62
CA MET A 327 -24.89 -2.32 -16.20
C MET A 327 -25.67 -1.33 -15.33
N LEU A 328 -25.79 -0.07 -15.78
CA LEU A 328 -26.41 1.03 -14.98
C LEU A 328 -27.92 0.83 -14.89
N ALA A 329 -28.57 0.50 -16.01
CA ALA A 329 -30.03 0.22 -16.10
C ALA A 329 -30.37 -1.01 -15.24
N GLY A 330 -29.52 -2.05 -15.27
CA GLY A 330 -29.73 -3.30 -14.49
C GLY A 330 -29.36 -3.16 -13.02
N ARG A 331 -28.74 -2.03 -12.64
CA ARG A 331 -28.23 -1.79 -11.25
C ARG A 331 -27.38 -2.99 -10.81
N ALA A 332 -26.55 -3.47 -11.74
CA ALA A 332 -25.56 -4.54 -11.52
C ALA A 332 -24.46 -4.00 -10.59
N HIS A 333 -23.54 -4.88 -10.19
CA HIS A 333 -22.51 -4.63 -9.16
C HIS A 333 -21.13 -4.92 -9.76
N ILE A 334 -20.15 -4.08 -9.53
CA ILE A 334 -18.75 -4.33 -9.97
C ILE A 334 -17.90 -4.57 -8.72
N SER A 335 -17.14 -5.68 -8.70
CA SER A 335 -16.07 -5.94 -7.71
C SER A 335 -14.74 -5.63 -8.39
N HIS A 336 -13.98 -4.72 -7.79
CA HIS A 336 -12.73 -4.11 -8.32
C HIS A 336 -11.57 -4.54 -7.41
N SER A 337 -10.42 -4.81 -7.99
CA SER A 337 -9.24 -5.36 -7.27
C SER A 337 -8.03 -4.48 -7.60
N PRO A 338 -8.09 -3.17 -7.30
CA PRO A 338 -7.01 -2.25 -7.67
C PRO A 338 -5.67 -2.54 -6.96
N GLY A 339 -5.68 -3.34 -5.88
CA GLY A 339 -4.44 -3.77 -5.21
C GLY A 339 -3.62 -4.76 -6.02
N LYS A 340 -4.26 -5.50 -6.96
CA LYS A 340 -3.71 -6.74 -7.59
C LYS A 340 -3.31 -6.50 -9.05
N TYR A 341 -3.81 -5.45 -9.70
CA TYR A 341 -3.76 -5.34 -11.18
C TYR A 341 -2.31 -5.28 -11.64
N GLY A 342 -1.51 -4.37 -11.07
CA GLY A 342 -0.12 -4.15 -11.52
C GLY A 342 0.66 -5.46 -11.56
N PRO A 343 0.75 -6.18 -10.42
CA PRO A 343 1.52 -7.43 -10.40
C PRO A 343 1.06 -8.56 -11.35
N SER A 344 -0.19 -8.55 -11.80
N SER A 344 -0.19 -8.54 -11.80
CA SER A 344 -0.73 -9.50 -12.82
CA SER A 344 -0.78 -9.45 -12.80
C SER A 344 -0.57 -8.91 -14.24
C SER A 344 -0.58 -8.91 -14.23
N GLY A 345 -0.23 -7.62 -14.35
CA GLY A 345 -0.17 -6.91 -15.66
C GLY A 345 -1.56 -6.60 -16.23
N GLU A 346 -2.60 -6.64 -15.40
CA GLU A 346 -3.95 -6.13 -15.72
C GLU A 346 -3.91 -4.59 -15.75
N SER A 347 -4.89 -3.98 -16.44
CA SER A 347 -4.98 -2.52 -16.68
C SER A 347 -6.45 -2.10 -16.52
N ALA A 348 -7.14 -2.70 -15.56
CA ALA A 348 -8.60 -2.60 -15.36
C ALA A 348 -8.97 -1.36 -14.52
N LEU A 349 -8.01 -0.49 -14.21
CA LEU A 349 -8.31 0.83 -13.58
C LEU A 349 -8.13 1.97 -14.59
N THR A 350 -6.89 2.18 -15.10
CA THR A 350 -6.49 3.46 -15.76
C THR A 350 -6.68 3.41 -17.28
N GLU A 351 -6.59 2.25 -17.92
CA GLU A 351 -6.54 2.20 -19.40
C GLU A 351 -7.88 2.68 -19.96
N THR A 352 -8.99 2.38 -19.26
CA THR A 352 -10.36 2.83 -19.63
C THR A 352 -10.89 3.87 -18.63
N GLY A 353 -10.57 3.78 -17.33
CA GLY A 353 -11.17 4.63 -16.27
C GLY A 353 -12.67 4.41 -16.12
N VAL A 354 -13.18 3.28 -16.62
CA VAL A 354 -14.65 2.99 -16.69
C VAL A 354 -15.18 2.71 -15.27
N VAL A 355 -14.46 1.97 -14.43
CA VAL A 355 -15.02 1.54 -13.12
C VAL A 355 -15.22 2.76 -12.23
N PRO A 356 -14.24 3.68 -12.06
CA PRO A 356 -14.47 4.93 -11.34
C PRO A 356 -15.60 5.81 -11.90
N ALA A 357 -15.74 5.86 -13.24
CA ALA A 357 -16.79 6.63 -13.95
C ALA A 357 -18.16 6.04 -13.59
N LEU A 358 -18.31 4.72 -13.62
CA LEU A 358 -19.59 4.02 -13.32
C LEU A 358 -19.98 4.21 -11.85
N ARG A 359 -19.01 4.19 -10.94
CA ARG A 359 -19.21 4.51 -9.49
C ARG A 359 -19.75 5.94 -9.39
N ARG A 360 -19.10 6.91 -10.07
CA ARG A 360 -19.52 8.33 -10.06
C ARG A 360 -20.97 8.44 -10.57
N ALA A 361 -21.35 7.62 -11.56
CA ALA A 361 -22.71 7.59 -12.17
C ALA A 361 -23.69 6.81 -11.29
N GLY A 362 -23.25 6.27 -10.14
CA GLY A 362 -24.13 5.67 -9.11
C GLY A 362 -24.18 4.14 -9.15
N LEU A 363 -23.33 3.47 -9.93
CA LEU A 363 -23.24 1.98 -9.87
C LEU A 363 -22.58 1.57 -8.55
N ASP A 364 -23.08 0.52 -7.91
CA ASP A 364 -22.43 -0.08 -6.72
C ASP A 364 -21.07 -0.62 -7.16
N VAL A 365 -20.00 -0.20 -6.49
CA VAL A 365 -18.62 -0.71 -6.74
C VAL A 365 -17.99 -1.04 -5.39
N SER A 366 -17.48 -2.26 -5.25
CA SER A 366 -16.92 -2.84 -4.00
C SER A 366 -15.48 -3.23 -4.29
N LEU A 367 -14.70 -3.49 -3.23
CA LEU A 367 -13.25 -3.81 -3.32
C LEU A 367 -13.01 -5.25 -2.86
N SER A 368 -12.17 -5.97 -3.61
CA SER A 368 -11.95 -7.43 -3.43
C SER A 368 -10.48 -7.73 -3.71
N THR A 369 -10.03 -8.91 -3.34
CA THR A 369 -8.59 -9.27 -3.44
C THR A 369 -8.32 -10.25 -4.60
N ASP A 370 -9.34 -10.86 -5.19
CA ASP A 370 -9.16 -11.75 -6.37
C ASP A 370 -8.39 -13.01 -5.95
N ALA A 371 -7.50 -13.55 -6.80
CA ALA A 371 -6.88 -14.88 -6.61
C ALA A 371 -5.44 -14.68 -6.15
N ALA A 372 -4.90 -15.65 -5.43
CA ALA A 372 -3.52 -15.68 -4.92
C ALA A 372 -3.16 -17.15 -4.65
N ALA A 373 -2.02 -17.65 -5.16
CA ALA A 373 -1.51 -19.00 -4.85
C ALA A 373 -0.59 -18.95 -3.61
N LEU A 374 -0.03 -17.78 -3.28
CA LEU A 374 0.62 -17.43 -1.99
C LEU A 374 0.02 -16.11 -1.53
N PRO A 375 0.14 -15.72 -0.24
CA PRO A 375 -0.49 -14.49 0.23
C PRO A 375 -0.13 -13.30 -0.65
N GLY A 376 -1.17 -12.61 -1.11
CA GLY A 376 -1.07 -11.29 -1.77
C GLY A 376 -1.92 -10.28 -1.04
N ALA A 377 -2.15 -9.12 -1.66
CA ALA A 377 -2.84 -7.97 -1.07
C ALA A 377 -4.13 -8.47 -0.43
N GLY A 378 -4.39 -8.05 0.81
CA GLY A 378 -5.63 -8.32 1.53
C GLY A 378 -6.60 -7.19 1.32
N ILE A 379 -7.72 -7.22 2.02
CA ILE A 379 -8.73 -6.14 1.91
C ILE A 379 -8.12 -4.82 2.38
N ALA A 380 -7.41 -4.81 3.49
CA ALA A 380 -6.78 -3.59 4.04
C ALA A 380 -5.88 -2.94 2.97
N GLU A 381 -5.12 -3.75 2.23
CA GLU A 381 -4.17 -3.24 1.21
C GLU A 381 -4.97 -2.71 0.00
N THR A 382 -6.07 -3.38 -0.31
CA THR A 382 -6.98 -2.99 -1.44
C THR A 382 -7.66 -1.65 -1.12
N MET A 383 -8.06 -1.45 0.14
CA MET A 383 -8.69 -0.19 0.60
C MET A 383 -7.69 0.95 0.36
N ARG A 384 -6.42 0.73 0.73
CA ARG A 384 -5.41 1.77 0.51
C ARG A 384 -5.31 2.05 -0.99
N ALA A 385 -5.18 1.00 -1.81
CA ALA A 385 -5.02 1.11 -3.28
C ALA A 385 -6.14 1.98 -3.87
N ALA A 386 -7.39 1.74 -3.50
CA ALA A 386 -8.56 2.48 -4.04
C ALA A 386 -8.41 3.97 -3.67
N TRP A 387 -8.16 4.24 -2.38
CA TRP A 387 -7.96 5.59 -1.79
C TRP A 387 -6.90 6.38 -2.57
N GLN A 388 -5.70 5.83 -2.75
CA GLN A 388 -4.60 6.48 -3.52
C GLN A 388 -5.00 6.63 -5.00
N MET A 389 -5.49 5.55 -5.63
CA MET A 389 -5.51 5.41 -7.11
C MET A 389 -6.75 6.10 -7.72
N TYR A 390 -7.93 5.90 -7.15
CA TYR A 390 -9.14 6.60 -7.64
C TYR A 390 -8.91 8.13 -7.53
N ASN A 391 -8.34 8.58 -6.41
CA ASN A 391 -8.24 10.03 -6.07
C ASN A 391 -7.19 10.68 -6.97
N GLU A 392 -6.07 10.00 -7.23
CA GLU A 392 -5.00 10.53 -8.11
C GLU A 392 -5.57 10.73 -9.54
N MET A 393 -6.28 9.74 -10.08
CA MET A 393 -6.77 9.77 -11.49
C MET A 393 -7.70 10.96 -11.71
N SER A 394 -8.46 11.34 -10.70
CA SER A 394 -9.44 12.45 -10.81
C SER A 394 -8.89 13.75 -10.18
N ALA A 395 -7.62 13.79 -9.73
CA ALA A 395 -7.05 14.94 -8.98
C ALA A 395 -8.08 15.40 -7.92
N ASP A 396 -8.58 14.48 -7.10
CA ASP A 396 -9.73 14.76 -6.18
C ASP A 396 -9.62 13.85 -4.95
N GLN A 397 -9.11 14.39 -3.84
CA GLN A 397 -8.89 13.65 -2.57
C GLN A 397 -10.24 13.29 -1.91
N THR A 398 -11.39 13.67 -2.50
CA THR A 398 -12.73 13.36 -1.94
C THR A 398 -13.45 12.29 -2.79
N GLU A 399 -12.93 11.88 -3.94
CA GLU A 399 -13.69 10.92 -4.77
C GLU A 399 -13.86 9.61 -3.99
N VAL A 400 -12.76 9.04 -3.49
CA VAL A 400 -12.81 7.92 -2.50
C VAL A 400 -12.26 8.44 -1.17
N LEU A 401 -13.12 8.79 -0.21
CA LEU A 401 -12.68 9.06 1.19
C LEU A 401 -12.28 7.74 1.82
N PRO A 402 -11.46 7.76 2.90
CA PRO A 402 -11.16 6.53 3.66
C PRO A 402 -12.45 5.79 4.06
N THR A 403 -13.48 6.50 4.49
CA THR A 403 -14.74 5.83 4.88
C THR A 403 -15.38 5.17 3.65
N ASP A 404 -15.17 5.72 2.45
CA ASP A 404 -15.70 5.13 1.20
C ASP A 404 -14.98 3.82 0.97
N ALA A 405 -13.64 3.86 1.05
CA ALA A 405 -12.80 2.66 0.92
C ALA A 405 -13.34 1.63 1.92
N LEU A 406 -13.65 2.02 3.16
CA LEU A 406 -14.13 1.04 4.16
C LEU A 406 -15.50 0.47 3.72
N ALA A 407 -16.44 1.33 3.33
CA ALA A 407 -17.79 0.95 2.87
C ALA A 407 -17.63 -0.04 1.71
N MET A 408 -16.67 0.23 0.83
CA MET A 408 -16.48 -0.57 -0.40
C MET A 408 -16.00 -1.97 -0.02
N ALA A 409 -15.34 -2.12 1.13
CA ALA A 409 -14.82 -3.40 1.66
C ALA A 409 -15.76 -4.01 2.70
N THR A 410 -16.91 -3.40 2.97
CA THR A 410 -17.86 -3.89 4.01
C THR A 410 -19.29 -3.85 3.47
N ARG A 411 -20.04 -2.78 3.79
CA ARG A 411 -21.49 -2.72 3.46
C ARG A 411 -21.68 -2.94 1.96
N ILE A 412 -20.93 -2.23 1.09
CA ILE A 412 -21.23 -2.23 -0.36
C ILE A 412 -20.91 -3.62 -0.88
N ALA A 413 -19.83 -4.27 -0.41
CA ALA A 413 -19.47 -5.65 -0.78
C ALA A 413 -20.55 -6.62 -0.30
N ALA A 414 -21.05 -6.45 0.93
CA ALA A 414 -22.14 -7.28 1.47
C ALA A 414 -23.37 -7.17 0.56
N LYS A 415 -23.64 -5.98 0.02
CA LYS A 415 -24.82 -5.77 -0.88
C LYS A 415 -24.63 -6.58 -2.16
N GLY A 416 -23.45 -6.52 -2.74
CA GLY A 416 -23.14 -7.26 -3.96
C GLY A 416 -23.24 -8.75 -3.71
N LEU A 417 -22.91 -9.22 -2.51
CA LEU A 417 -22.96 -10.65 -2.14
C LEU A 417 -24.40 -11.02 -1.73
N ARG A 418 -25.27 -10.02 -1.54
CA ARG A 418 -26.67 -10.20 -1.03
C ARG A 418 -26.61 -10.79 0.38
N TRP A 419 -25.68 -10.29 1.19
CA TRP A 419 -25.54 -10.66 2.62
C TRP A 419 -25.71 -9.40 3.49
N ASP A 420 -26.17 -8.27 2.92
CA ASP A 420 -26.23 -6.99 3.67
C ASP A 420 -27.47 -6.98 4.57
N ASP A 421 -28.27 -8.04 4.52
CA ASP A 421 -29.36 -8.32 5.50
C ASP A 421 -28.76 -8.55 6.89
N ALA A 422 -27.53 -9.09 6.96
CA ALA A 422 -26.93 -9.63 8.20
C ALA A 422 -25.56 -9.03 8.49
N VAL A 423 -24.77 -8.64 7.48
CA VAL A 423 -23.35 -8.23 7.73
C VAL A 423 -23.01 -6.92 6.99
N GLY A 424 -21.83 -6.37 7.28
CA GLY A 424 -21.18 -5.33 6.46
C GLY A 424 -21.28 -3.96 7.10
N SER A 425 -22.00 -3.85 8.21
CA SER A 425 -22.15 -2.58 8.97
C SER A 425 -22.51 -2.88 10.43
N LEU A 426 -22.01 -2.03 11.33
CA LEU A 426 -22.31 -2.04 12.77
C LEU A 426 -23.57 -1.19 12.97
N GLU A 427 -24.73 -1.85 12.84
CA GLU A 427 -26.06 -1.26 13.09
C GLU A 427 -26.81 -2.23 13.98
N PRO A 428 -27.73 -1.74 14.83
CA PRO A 428 -28.58 -2.63 15.63
C PRO A 428 -29.28 -3.66 14.73
N GLY A 429 -29.25 -4.94 15.11
CA GLY A 429 -29.92 -6.03 14.37
C GLY A 429 -28.97 -6.80 13.49
N LYS A 430 -27.87 -6.19 13.06
CA LYS A 430 -26.89 -6.88 12.19
C LYS A 430 -26.01 -7.75 13.09
N GLN A 431 -25.30 -8.68 12.45
CA GLN A 431 -24.40 -9.63 13.14
C GLN A 431 -23.26 -8.82 13.78
N ALA A 432 -22.83 -9.25 14.97
CA ALA A 432 -21.66 -8.73 15.72
C ALA A 432 -20.39 -9.24 15.04
N ASP A 433 -20.11 -8.73 13.85
CA ASP A 433 -18.88 -9.03 13.10
C ASP A 433 -18.02 -7.78 13.13
N LEU A 434 -16.90 -7.81 13.85
CA LEU A 434 -16.03 -6.60 13.91
C LEU A 434 -14.55 -6.91 14.17
N LEU A 435 -13.74 -5.90 13.88
CA LEU A 435 -12.27 -5.90 13.98
C LEU A 435 -11.86 -4.87 15.02
N LEU A 436 -10.83 -5.18 15.79
CA LEU A 436 -10.10 -4.18 16.59
C LEU A 436 -8.69 -4.08 16.00
N VAL A 437 -8.22 -2.85 15.85
CA VAL A 437 -6.86 -2.48 15.39
C VAL A 437 -6.24 -1.56 16.45
N ARG A 438 -5.04 -1.86 16.95
CA ARG A 438 -4.37 -0.98 17.93
C ARG A 438 -4.03 0.34 17.25
N THR A 439 -4.21 1.45 17.97
CA THR A 439 -3.93 2.83 17.50
C THR A 439 -2.94 3.52 18.42
N ASP A 440 -2.19 2.76 19.21
CA ASP A 440 -1.32 3.33 20.27
C ASP A 440 0.11 3.48 19.76
N ASP A 441 0.41 3.39 18.46
CA ASP A 441 1.82 3.58 18.04
C ASP A 441 1.96 4.88 17.21
N TRP A 442 3.20 5.20 16.85
CA TRP A 442 3.59 6.43 16.11
C TRP A 442 2.71 6.70 14.89
N ARG A 443 2.20 5.67 14.23
CA ARG A 443 1.47 5.79 12.95
C ARG A 443 0.19 6.58 13.20
N TYR A 444 -0.38 6.44 14.40
CA TYR A 444 -1.75 6.93 14.72
C TYR A 444 -1.72 8.21 15.53
N LEU A 445 -0.57 8.58 16.09
CA LEU A 445 -0.49 9.63 17.13
C LEU A 445 -1.05 10.96 16.62
N LEU A 446 -2.01 11.50 17.38
CA LEU A 446 -2.69 12.80 17.19
C LEU A 446 -3.66 12.76 16.02
N ASN A 447 -3.85 11.64 15.31
CA ASN A 447 -4.80 11.62 14.16
C ASN A 447 -6.21 11.36 14.68
N PRO A 448 -7.17 12.28 14.55
CA PRO A 448 -8.56 11.98 14.95
C PRO A 448 -9.24 11.05 13.93
N ARG A 449 -8.49 10.64 12.90
CA ARG A 449 -8.94 9.75 11.80
C ARG A 449 -8.00 8.55 11.71
N PRO A 450 -8.04 7.62 12.71
CA PRO A 450 -7.17 6.46 12.71
C PRO A 450 -7.34 5.61 11.44
N LEU A 451 -8.50 5.66 10.78
CA LEU A 451 -8.71 4.85 9.54
C LEU A 451 -7.77 5.34 8.43
N GLU A 452 -7.55 6.65 8.38
CA GLU A 452 -6.60 7.32 7.44
C GLU A 452 -5.18 6.87 7.78
N SER A 453 -4.77 6.87 9.05
CA SER A 453 -3.43 6.36 9.46
C SER A 453 -3.30 4.88 9.04
N PHE A 454 -4.36 4.11 9.24
CA PHE A 454 -4.44 2.67 8.87
C PHE A 454 -4.22 2.49 7.36
N LEU A 455 -4.86 3.32 6.54
CA LEU A 455 -4.64 3.30 5.07
C LEU A 455 -3.22 3.78 4.73
N TRP A 456 -2.65 4.75 5.45
CA TRP A 456 -1.30 5.28 5.09
C TRP A 456 -0.25 4.19 5.35
N LEU A 457 -0.34 3.52 6.52
CA LEU A 457 0.84 2.86 7.14
C LEU A 457 0.53 1.51 7.78
N ALA A 458 -0.68 0.96 7.59
CA ALA A 458 -1.04 -0.33 8.20
C ALA A 458 -1.64 -1.27 7.15
N GLY A 459 -1.94 -2.49 7.55
CA GLY A 459 -2.56 -3.48 6.65
C GLY A 459 -3.07 -4.71 7.40
N SER A 460 -3.25 -5.80 6.66
CA SER A 460 -3.83 -7.08 7.15
C SER A 460 -3.22 -7.53 8.48
N ALA A 461 -1.89 -7.56 8.57
CA ALA A 461 -1.19 -8.04 9.78
C ALA A 461 -1.46 -7.13 10.99
N ASP A 462 -1.96 -5.92 10.81
CA ASP A 462 -2.25 -5.00 11.95
C ASP A 462 -3.64 -5.27 12.52
N VAL A 463 -4.43 -6.14 11.91
CA VAL A 463 -5.71 -6.56 12.54
C VAL A 463 -5.34 -7.30 13.85
N ASP A 464 -5.91 -6.87 14.96
CA ASP A 464 -5.58 -7.40 16.29
C ASP A 464 -6.63 -8.45 16.67
N THR A 465 -7.89 -8.02 16.71
CA THR A 465 -9.03 -8.87 17.15
C THR A 465 -10.01 -9.00 15.99
N VAL A 466 -10.48 -10.23 15.75
CA VAL A 466 -11.57 -10.50 14.79
C VAL A 466 -12.68 -11.19 15.57
N ILE A 467 -13.88 -10.60 15.56
CA ILE A 467 -15.10 -11.19 16.18
C ILE A 467 -16.11 -11.48 15.08
N VAL A 468 -16.69 -12.68 15.09
CA VAL A 468 -17.76 -13.10 14.14
C VAL A 468 -18.93 -13.61 14.98
N GLY A 469 -20.12 -13.05 14.76
CA GLY A 469 -21.31 -13.38 15.57
C GLY A 469 -20.98 -13.47 17.05
N GLY A 470 -20.23 -12.51 17.57
CA GLY A 470 -19.99 -12.32 19.01
C GLY A 470 -18.84 -13.16 19.55
N ARG A 471 -18.30 -14.11 18.78
CA ARG A 471 -17.17 -15.00 19.21
C ARG A 471 -15.83 -14.39 18.80
N THR A 472 -14.87 -14.34 19.74
CA THR A 472 -13.48 -13.91 19.46
C THR A 472 -12.71 -15.04 18.75
N LEU A 473 -12.35 -14.84 17.48
CA LEU A 473 -11.61 -15.85 16.67
C LEU A 473 -10.13 -15.46 16.55
N VAL A 474 -9.81 -14.17 16.51
CA VAL A 474 -8.39 -13.71 16.52
C VAL A 474 -8.25 -12.69 17.65
N GLU A 475 -7.12 -12.69 18.36
CA GLU A 475 -6.83 -11.77 19.49
C GLU A 475 -5.32 -11.60 19.57
N GLY A 476 -4.85 -10.35 19.62
CA GLY A 476 -3.42 -10.02 19.58
C GLY A 476 -2.80 -10.52 18.27
N GLY A 477 -3.59 -10.61 17.21
CA GLY A 477 -3.17 -11.12 15.90
C GLY A 477 -2.89 -12.62 15.93
N ARG A 478 -3.35 -13.34 16.96
CA ARG A 478 -3.21 -14.82 17.09
C ARG A 478 -4.58 -15.49 17.02
N GLY A 479 -4.63 -16.65 16.38
CA GLY A 479 -5.80 -17.54 16.42
C GLY A 479 -6.13 -17.85 17.86
N VAL A 480 -7.41 -17.91 18.21
CA VAL A 480 -7.89 -18.08 19.60
C VAL A 480 -8.28 -19.54 19.82
N GLU A 481 -8.99 -20.13 18.85
CA GLU A 481 -9.57 -21.49 18.92
C GLU A 481 -8.99 -22.38 17.80
N VAL A 482 -8.00 -21.89 17.05
CA VAL A 482 -7.26 -22.71 16.05
C VAL A 482 -5.76 -22.47 16.25
N ASP A 483 -4.97 -23.51 15.97
CA ASP A 483 -3.49 -23.54 16.08
C ASP A 483 -2.91 -23.17 14.70
N GLU A 484 -2.50 -21.92 14.49
CA GLU A 484 -2.10 -21.48 13.12
C GLU A 484 -0.82 -22.22 12.72
N ALA A 485 0.02 -22.66 13.67
CA ALA A 485 1.20 -23.53 13.43
C ALA A 485 0.73 -24.90 12.90
N ALA A 486 -0.34 -25.44 13.44
CA ALA A 486 -0.85 -26.76 13.00
C ALA A 486 -1.48 -26.56 11.64
N LEU A 487 -2.23 -25.47 11.45
CA LEU A 487 -2.91 -25.19 10.15
C LEU A 487 -1.84 -25.10 9.07
N ARG A 488 -0.73 -24.42 9.38
CA ARG A 488 0.45 -24.28 8.49
C ARG A 488 1.02 -25.66 8.15
N ASP A 489 1.30 -26.48 9.16
CA ASP A 489 2.04 -27.76 8.96
C ASP A 489 1.20 -28.72 8.12
N ARG A 490 -0.12 -28.75 8.30
CA ARG A 490 -1.03 -29.64 7.51
C ARG A 490 -1.11 -29.10 6.07
N TYR A 491 -1.16 -27.77 5.92
CA TYR A 491 -1.15 -27.11 4.60
C TYR A 491 0.15 -27.54 3.88
N LEU A 492 1.30 -27.42 4.51
CA LEU A 492 2.60 -27.74 3.85
C LEU A 492 2.64 -29.22 3.45
N GLN A 493 2.17 -30.12 4.34
CA GLN A 493 2.04 -31.59 4.10
C GLN A 493 1.10 -31.84 2.90
N ALA A 494 -0.09 -31.24 2.88
CA ALA A 494 -1.08 -31.41 1.80
C ALA A 494 -0.50 -30.88 0.48
N LEU A 495 0.17 -29.72 0.55
CA LEU A 495 0.75 -29.06 -0.64
C LEU A 495 1.86 -29.94 -1.20
N ARG A 496 2.69 -30.54 -0.33
CA ARG A 496 3.75 -31.47 -0.78
C ARG A 496 3.12 -32.62 -1.59
N GLY A 497 2.10 -33.27 -1.03
CA GLY A 497 1.43 -34.40 -1.70
C GLY A 497 0.86 -33.97 -3.03
N PHE A 498 0.05 -32.91 -3.04
CA PHE A 498 -0.62 -32.42 -4.27
C PHE A 498 0.39 -32.02 -5.35
N THR A 499 1.42 -31.29 -4.95
CA THR A 499 2.46 -30.74 -5.86
C THR A 499 3.26 -31.89 -6.47
N THR A 500 3.71 -32.86 -5.69
CA THR A 500 4.54 -33.99 -6.21
C THR A 500 3.67 -34.92 -7.08
N ARG A 501 2.48 -35.28 -6.59
CA ARG A 501 1.64 -36.31 -7.24
C ARG A 501 0.93 -35.71 -8.47
N ALA A 502 0.10 -34.69 -8.28
CA ALA A 502 -0.87 -34.20 -9.29
C ALA A 502 -0.19 -33.24 -10.27
N LEU A 503 0.66 -32.34 -9.79
CA LEU A 503 1.39 -31.36 -10.64
C LEU A 503 2.74 -31.97 -11.09
N ARG A 504 3.09 -33.18 -10.65
CA ARG A 504 4.29 -33.93 -11.11
C ARG A 504 5.56 -33.08 -10.95
N VAL A 505 5.61 -32.17 -10.00
CA VAL A 505 6.86 -31.41 -9.71
C VAL A 505 7.79 -32.35 -8.95
N PRO A 506 9.07 -32.52 -9.35
CA PRO A 506 9.93 -33.50 -8.67
C PRO A 506 10.12 -33.13 -7.20
N ALA A 507 10.25 -34.16 -6.35
CA ALA A 507 10.54 -34.05 -4.89
C ALA A 507 11.81 -33.23 -4.65
N GLU A 508 12.79 -33.30 -5.56
CA GLU A 508 14.12 -32.62 -5.44
C GLU A 508 13.94 -31.10 -5.45
N ALA A 509 12.85 -30.61 -6.06
CA ALA A 509 12.49 -29.17 -6.12
C ALA A 509 11.62 -28.78 -4.92
N VAL A 510 10.86 -29.72 -4.36
CA VAL A 510 9.85 -29.39 -3.31
C VAL A 510 10.45 -29.53 -1.92
N ASP A 511 11.10 -30.65 -1.64
CA ASP A 511 11.52 -31.04 -0.25
C ASP A 511 12.54 -30.03 0.30
N PRO A 512 13.52 -29.55 -0.50
CA PRO A 512 14.47 -28.54 -0.02
C PRO A 512 13.80 -27.28 0.52
N VAL A 513 12.88 -26.71 -0.26
CA VAL A 513 12.09 -25.51 0.12
C VAL A 513 11.33 -25.78 1.43
N LEU A 514 10.66 -26.94 1.56
CA LEU A 514 9.88 -27.27 2.79
C LEU A 514 10.84 -27.44 3.98
N ALA A 515 12.04 -27.95 3.75
CA ALA A 515 13.06 -28.17 4.81
C ALA A 515 13.50 -26.81 5.40
N GLU A 516 13.54 -25.76 4.57
CA GLU A 516 14.01 -24.42 5.01
C GLU A 516 12.83 -23.56 5.51
N VAL A 517 11.59 -24.08 5.58
CA VAL A 517 10.46 -23.33 6.22
C VAL A 517 10.80 -23.13 7.71
N ALA A 518 10.82 -21.86 8.13
CA ALA A 518 11.07 -21.40 9.51
C ALA A 518 9.90 -21.84 10.41
N ARG A 519 10.10 -22.92 11.17
CA ARG A 519 9.17 -23.40 12.23
C ARG A 519 9.32 -22.47 13.44
N ALA B 25 29.84 -0.37 15.18
CA ALA B 25 30.40 1.01 15.04
C ALA B 25 31.79 0.93 14.41
N MET B 26 32.81 0.60 15.21
CA MET B 26 34.06 -0.07 14.80
C MET B 26 33.77 -1.57 14.83
N GLY B 27 34.72 -2.41 14.41
CA GLY B 27 34.57 -3.87 14.47
C GLY B 27 33.97 -4.44 13.20
N ALA B 28 33.89 -5.75 13.14
CA ALA B 28 33.48 -6.49 11.94
C ALA B 28 32.17 -7.21 12.27
N ARG B 29 31.32 -7.28 11.28
CA ARG B 29 29.99 -7.91 11.42
C ARG B 29 29.75 -8.80 10.21
N LEU B 30 29.35 -10.05 10.43
CA LEU B 30 28.86 -10.93 9.35
C LEU B 30 27.35 -11.12 9.51
N ILE B 31 26.58 -10.61 8.56
CA ILE B 31 25.10 -10.83 8.53
C ILE B 31 24.80 -11.91 7.50
N THR B 32 24.44 -13.10 7.94
CA THR B 32 24.47 -14.27 7.04
C THR B 32 23.16 -15.06 7.13
N GLY B 33 22.82 -15.71 6.02
CA GLY B 33 21.73 -16.71 5.88
C GLY B 33 20.45 -16.14 5.30
N GLY B 34 20.26 -14.82 5.28
CA GLY B 34 18.98 -14.28 4.76
C GLY B 34 18.99 -14.16 3.23
N THR B 35 17.89 -13.74 2.63
CA THR B 35 17.87 -13.29 1.22
C THR B 35 18.38 -11.85 1.18
N VAL B 36 19.44 -11.61 0.43
CA VAL B 36 20.10 -10.28 0.37
C VAL B 36 19.80 -9.60 -0.95
N TYR B 37 19.13 -8.46 -0.90
CA TYR B 37 18.93 -7.52 -2.02
C TYR B 37 20.00 -6.42 -1.97
N THR B 38 20.81 -6.32 -3.00
CA THR B 38 21.97 -5.41 -3.04
C THR B 38 21.65 -4.05 -3.65
N ALA B 39 20.70 -3.98 -4.57
CA ALA B 39 20.44 -2.85 -5.48
C ALA B 39 21.74 -2.37 -6.13
N ASP B 40 22.65 -3.29 -6.48
CA ASP B 40 23.87 -2.98 -7.29
C ASP B 40 23.42 -2.84 -8.75
N ALA B 41 24.38 -2.55 -9.66
CA ALA B 41 24.13 -2.30 -11.10
C ALA B 41 23.36 -3.46 -11.74
N GLN B 42 23.51 -4.70 -11.25
CA GLN B 42 22.83 -5.91 -11.82
C GLN B 42 21.53 -6.20 -11.06
N GLU B 43 21.20 -5.39 -10.04
CA GLU B 43 20.06 -5.59 -9.10
C GLU B 43 20.16 -7.01 -8.47
N SER B 44 21.38 -7.47 -8.18
CA SER B 44 21.73 -8.80 -7.64
C SER B 44 20.87 -9.12 -6.42
N VAL B 45 20.39 -10.34 -6.38
CA VAL B 45 19.70 -10.90 -5.20
C VAL B 45 20.43 -12.19 -4.86
N HIS B 46 20.70 -12.43 -3.58
CA HIS B 46 21.38 -13.66 -3.15
C HIS B 46 20.54 -14.35 -2.08
N ALA B 47 19.93 -15.49 -2.42
CA ALA B 47 19.26 -16.36 -1.42
C ALA B 47 20.37 -16.92 -0.52
N ARG B 48 20.15 -17.01 0.80
CA ARG B 48 21.21 -17.50 1.72
C ARG B 48 22.51 -16.74 1.41
N GLY B 49 22.38 -15.44 1.29
CA GLY B 49 23.50 -14.53 1.07
C GLY B 49 24.03 -14.01 2.38
N ALA B 50 25.01 -13.13 2.29
CA ALA B 50 25.71 -12.60 3.46
C ALA B 50 26.29 -11.24 3.10
N VAL B 51 26.44 -10.43 4.13
CA VAL B 51 27.09 -9.11 4.12
C VAL B 51 28.13 -9.13 5.24
N LEU B 52 29.39 -8.98 4.86
CA LEU B 52 30.49 -8.73 5.81
C LEU B 52 30.77 -7.21 5.85
N THR B 53 30.71 -6.60 7.03
CA THR B 53 31.04 -5.18 7.23
C THR B 53 32.27 -5.09 8.13
N VAL B 54 33.13 -4.11 7.91
CA VAL B 54 34.25 -3.75 8.82
C VAL B 54 34.16 -2.24 9.07
N ASP B 55 34.10 -1.86 10.33
CA ASP B 55 33.90 -0.46 10.77
C ASP B 55 32.63 0.02 10.08
N ASP B 56 32.70 1.06 9.26
CA ASP B 56 31.49 1.71 8.72
C ASP B 56 31.16 1.24 7.29
N LYS B 57 31.92 0.26 6.74
CA LYS B 57 31.86 -0.15 5.30
C LYS B 57 31.47 -1.61 5.08
N VAL B 58 30.79 -1.84 3.98
CA VAL B 58 30.57 -3.19 3.40
C VAL B 58 31.92 -3.61 2.85
N VAL B 59 32.39 -4.79 3.17
CA VAL B 59 33.66 -5.25 2.52
C VAL B 59 33.33 -6.38 1.56
N ALA B 60 32.32 -7.21 1.83
CA ALA B 60 31.97 -8.34 0.96
C ALA B 60 30.48 -8.57 0.99
N VAL B 61 29.92 -9.00 -0.15
CA VAL B 61 28.47 -9.28 -0.27
C VAL B 61 28.28 -10.26 -1.43
N GLY B 62 27.47 -11.29 -1.20
CA GLY B 62 27.26 -12.40 -2.13
C GLY B 62 26.77 -13.65 -1.39
N PRO B 63 26.89 -14.84 -2.02
CA PRO B 63 26.53 -16.11 -1.40
C PRO B 63 27.32 -16.29 -0.09
N ALA B 64 26.67 -16.87 0.92
CA ALA B 64 27.20 -17.05 2.30
C ALA B 64 28.60 -17.64 2.24
N VAL B 65 28.76 -18.69 1.43
CA VAL B 65 30.01 -19.51 1.37
C VAL B 65 31.12 -18.63 0.77
N GLU B 66 30.80 -17.82 -0.22
CA GLU B 66 31.79 -16.89 -0.84
C GLU B 66 32.21 -15.77 0.15
N VAL B 67 31.27 -15.23 0.92
CA VAL B 67 31.55 -14.15 1.90
C VAL B 67 32.38 -14.74 3.03
N GLU B 68 32.13 -16.00 3.40
CA GLU B 68 32.84 -16.71 4.49
C GLU B 68 34.32 -16.80 4.14
N GLN B 69 34.65 -16.85 2.84
CA GLN B 69 36.05 -16.84 2.33
C GLN B 69 36.64 -15.46 2.62
N ALA B 70 35.89 -14.39 2.43
CA ALA B 70 36.36 -13.03 2.74
C ALA B 70 36.65 -12.95 4.24
N VAL B 71 35.86 -13.64 5.07
CA VAL B 71 36.02 -13.66 6.55
C VAL B 71 37.36 -14.34 6.88
N GLN B 72 37.65 -15.45 6.22
CA GLN B 72 38.88 -16.25 6.48
C GLN B 72 40.12 -15.49 5.98
N ALA B 73 39.93 -14.43 5.19
CA ALA B 73 40.96 -13.58 4.59
C ALA B 73 41.17 -12.29 5.40
N LEU B 74 40.39 -12.06 6.45
CA LEU B 74 40.57 -10.85 7.30
C LEU B 74 41.84 -11.01 8.14
N ASP B 75 42.44 -9.89 8.52
CA ASP B 75 43.43 -9.80 9.63
C ASP B 75 42.92 -10.62 10.81
N PRO B 76 43.72 -11.55 11.37
CA PRO B 76 43.28 -12.34 12.53
C PRO B 76 42.72 -11.52 13.70
N ALA B 77 43.26 -10.31 13.95
CA ALA B 77 42.77 -9.37 14.98
C ALA B 77 41.30 -9.06 14.70
N VAL B 78 40.99 -8.59 13.50
CA VAL B 78 39.61 -8.26 13.02
C VAL B 78 38.72 -9.50 13.18
N ARG B 79 39.15 -10.65 12.62
CA ARG B 79 38.38 -11.92 12.69
C ARG B 79 38.02 -12.23 14.15
N ALA B 80 38.96 -12.03 15.09
CA ALA B 80 38.83 -12.46 16.50
C ALA B 80 37.55 -11.85 17.10
N GLU B 81 37.23 -10.60 16.77
CA GLU B 81 36.14 -9.79 17.38
C GLU B 81 34.93 -9.68 16.43
N LEU B 82 34.90 -10.46 15.35
CA LEU B 82 33.76 -10.55 14.40
C LEU B 82 32.46 -10.86 15.16
N ARG B 83 31.38 -10.14 14.93
CA ARG B 83 30.05 -10.49 15.48
C ARG B 83 29.20 -11.10 14.36
N ARG B 84 28.77 -12.35 14.54
CA ARG B 84 27.92 -13.07 13.56
C ARG B 84 26.46 -12.85 13.96
N LEU B 85 25.67 -12.30 13.04
CA LEU B 85 24.21 -12.08 13.17
C LEU B 85 23.55 -13.08 12.22
N ASP B 86 22.79 -14.02 12.81
CA ASP B 86 22.01 -15.05 12.07
C ASP B 86 20.80 -14.35 11.47
N ALA B 87 20.80 -14.17 10.15
CA ALA B 87 19.72 -13.45 9.43
C ALA B 87 18.94 -14.45 8.62
N SER B 88 19.00 -15.73 8.97
CA SER B 88 18.38 -16.79 8.15
C SER B 88 16.85 -16.62 8.14
N ARG B 89 16.25 -15.96 9.12
CA ARG B 89 14.77 -15.74 9.10
C ARG B 89 14.46 -14.29 8.67
N MET B 90 15.36 -13.68 7.88
CA MET B 90 15.27 -12.25 7.52
CA MET B 90 15.31 -12.24 7.54
C MET B 90 15.53 -12.03 6.03
N MET B 91 15.09 -10.87 5.56
CA MET B 91 15.46 -10.23 4.30
C MET B 91 16.39 -9.04 4.62
N VAL B 92 17.47 -8.91 3.87
CA VAL B 92 18.48 -7.83 3.97
C VAL B 92 18.26 -6.88 2.78
N LEU B 93 17.98 -5.61 3.05
CA LEU B 93 17.87 -4.51 2.03
C LEU B 93 18.95 -3.47 2.28
N PRO B 94 19.32 -2.66 1.26
CA PRO B 94 20.06 -1.44 1.53
C PRO B 94 19.16 -0.51 2.30
N GLY B 95 19.78 0.41 3.07
CA GLY B 95 19.03 1.52 3.66
C GLY B 95 18.23 2.32 2.64
N PHE B 96 16.98 2.68 2.94
CA PHE B 96 16.16 3.53 2.05
C PHE B 96 16.76 4.94 2.03
N VAL B 97 16.85 5.52 0.85
CA VAL B 97 17.30 6.91 0.59
C VAL B 97 16.05 7.68 0.17
N ASN B 98 15.50 8.47 1.08
CA ASN B 98 14.30 9.28 0.84
C ASN B 98 14.81 10.69 0.50
N ALA B 99 15.02 10.96 -0.79
CA ALA B 99 15.76 12.12 -1.27
C ALA B 99 14.84 13.33 -1.43
N HIS B 100 13.53 13.15 -1.23
CA HIS B 100 12.57 14.25 -1.38
C HIS B 100 11.56 14.20 -0.23
N TRP B 101 11.82 15.04 0.77
CA TRP B 101 11.10 15.08 2.05
C TRP B 101 11.06 16.52 2.58
N HIS B 102 10.03 16.79 3.36
CA HIS B 102 9.82 18.10 4.02
C HIS B 102 9.43 17.82 5.46
N GLU B 103 10.09 18.49 6.40
CA GLU B 103 9.75 18.46 7.83
C GLU B 103 8.60 19.47 8.00
N MET B 104 7.41 18.99 8.31
CA MET B 104 6.18 19.82 8.46
C MET B 104 5.43 19.43 9.72
N PHE B 105 6.05 18.68 10.64
CA PHE B 105 5.38 18.19 11.87
C PHE B 105 5.00 19.35 12.79
N ALA B 106 5.58 20.55 12.62
CA ALA B 106 5.14 21.75 13.36
C ALA B 106 3.70 22.15 13.00
N MET B 107 3.18 21.69 11.85
CA MET B 107 1.78 22.02 11.45
C MET B 107 0.81 20.88 11.74
N GLY B 108 1.15 19.95 12.64
CA GLY B 108 0.32 18.77 12.92
C GLY B 108 -1.03 19.15 13.52
N PHE B 109 -1.06 20.27 14.25
CA PHE B 109 -2.21 20.69 15.06
C PHE B 109 -2.98 21.78 14.35
N THR B 110 -3.34 21.52 13.10
CA THR B 110 -4.16 22.36 12.21
C THR B 110 -5.27 21.48 11.62
N MET B 111 -5.99 22.03 10.64
CA MET B 111 -7.15 21.41 9.97
C MET B 111 -6.67 20.52 8.81
N ARG B 112 -5.34 20.30 8.69
CA ARG B 112 -4.74 19.23 7.86
C ARG B 112 -4.45 17.99 8.73
N GLY B 113 -4.57 18.11 10.05
CA GLY B 113 -4.14 17.08 11.01
C GLY B 113 -5.07 16.94 12.20
N ALA B 114 -4.60 17.34 13.39
CA ALA B 114 -5.14 16.90 14.69
C ALA B 114 -6.49 17.57 14.98
N LEU B 115 -6.80 18.70 14.35
CA LEU B 115 -8.03 19.51 14.68
C LEU B 115 -9.22 19.09 13.80
N ARG B 116 -9.04 18.25 12.80
CA ARG B 116 -10.12 17.75 11.90
C ARG B 116 -11.13 16.95 12.71
N PRO B 117 -12.41 16.95 12.27
CA PRO B 117 -13.40 16.04 12.83
C PRO B 117 -13.05 14.62 12.42
N PRO B 118 -13.40 13.61 13.26
CA PRO B 118 -13.18 12.21 12.92
C PRO B 118 -13.84 11.81 11.59
N SER B 119 -15.04 12.34 11.31
CA SER B 119 -15.75 12.10 10.04
C SER B 119 -15.02 12.84 8.92
N ASP B 120 -14.91 12.18 7.77
CA ASP B 120 -14.26 12.72 6.55
C ASP B 120 -15.34 13.21 5.59
N ARG B 121 -16.62 13.07 5.92
CA ARG B 121 -17.69 13.21 4.91
C ARG B 121 -17.69 14.64 4.32
N ALA B 122 -17.21 15.67 5.02
CA ALA B 122 -17.37 17.09 4.63
C ALA B 122 -16.08 17.59 3.96
N ASP B 123 -15.11 16.71 3.78
CA ASP B 123 -13.81 17.08 3.17
C ASP B 123 -14.05 17.72 1.79
N GLN B 124 -13.21 18.68 1.42
CA GLN B 124 -13.30 19.41 0.13
C GLN B 124 -11.99 19.26 -0.62
N VAL B 125 -12.05 19.34 -1.95
CA VAL B 125 -10.88 19.53 -2.86
C VAL B 125 -10.26 20.87 -2.46
N ALA B 126 -8.99 20.87 -2.10
CA ALA B 126 -8.28 22.06 -1.57
C ALA B 126 -6.80 22.02 -1.97
N PHE B 127 -6.14 23.18 -1.91
CA PHE B 127 -4.66 23.34 -1.93
C PHE B 127 -4.14 22.73 -3.23
N MET B 128 -3.59 21.51 -3.20
CA MET B 128 -2.98 20.93 -4.42
C MET B 128 -4.00 20.13 -5.22
N GLY B 129 -5.24 20.04 -4.73
CA GLY B 129 -6.29 19.28 -5.42
C GLY B 129 -6.89 20.05 -6.58
N GLY B 130 -7.62 19.34 -7.46
CA GLY B 130 -8.39 19.93 -8.57
C GLY B 130 -7.48 20.64 -9.57
N GLY B 131 -6.22 20.20 -9.70
CA GLY B 131 -5.22 20.86 -10.57
C GLY B 131 -4.37 21.90 -9.87
N GLY B 132 -4.74 22.31 -8.65
CA GLY B 132 -3.91 23.21 -7.83
C GLY B 132 -4.47 24.61 -7.74
N ASP B 133 -4.56 25.11 -6.51
CA ASP B 133 -4.85 26.53 -6.26
C ASP B 133 -3.51 27.27 -6.19
N MET B 134 -3.06 27.81 -7.33
CA MET B 134 -1.66 28.29 -7.52
C MET B 134 -1.38 29.52 -6.63
N HIS B 135 -2.31 30.45 -6.52
CA HIS B 135 -2.18 31.63 -5.61
C HIS B 135 -1.98 31.14 -4.17
N GLN B 136 -2.84 30.25 -3.67
CA GLN B 136 -2.82 29.82 -2.25
C GLN B 136 -1.52 29.04 -2.02
N ILE B 137 -1.16 28.15 -2.95
CA ILE B 137 0.14 27.40 -2.85
C ILE B 137 1.28 28.41 -2.73
N SER B 138 1.33 29.38 -3.65
CA SER B 138 2.43 30.37 -3.72
C SER B 138 2.50 31.17 -2.41
N ALA B 139 1.35 31.71 -1.98
CA ALA B 139 1.23 32.55 -0.77
C ALA B 139 1.64 31.73 0.45
N THR B 140 1.20 30.49 0.54
CA THR B 140 1.54 29.60 1.67
C THR B 140 3.06 29.41 1.73
N PHE B 141 3.69 29.10 0.60
CA PHE B 141 5.15 28.81 0.59
C PHE B 141 5.91 30.06 1.02
N ASP B 142 5.44 31.25 0.65
CA ASP B 142 6.19 32.50 0.96
C ASP B 142 6.09 32.86 2.46
N ARG B 143 5.18 32.26 3.22
CA ARG B 143 5.01 32.52 4.68
C ARG B 143 5.93 31.62 5.51
N PHE B 144 6.63 30.63 4.94
CA PHE B 144 7.44 29.71 5.74
C PHE B 144 8.46 30.50 6.59
N ASP B 145 9.23 31.43 5.98
CA ASP B 145 10.36 32.12 6.68
C ASP B 145 9.84 32.71 8.00
N GLY B 146 8.66 33.34 7.95
CA GLY B 146 8.03 34.01 9.10
C GLY B 146 7.67 33.01 10.17
N LEU B 147 7.17 31.83 9.80
CA LEU B 147 6.73 30.82 10.78
C LEU B 147 7.95 30.13 11.39
N ILE B 148 9.00 29.90 10.61
CA ILE B 148 10.27 29.33 11.15
C ILE B 148 10.78 30.26 12.26
N GLU B 149 10.77 31.58 12.04
CA GLU B 149 11.31 32.56 13.02
C GLU B 149 10.48 32.46 14.30
N ALA B 150 9.21 32.08 14.21
CA ALA B 150 8.29 32.06 15.36
C ALA B 150 8.54 30.82 16.23
N MET B 151 9.44 29.93 15.81
CA MET B 151 9.67 28.61 16.44
C MET B 151 10.87 28.72 17.40
N THR B 152 10.81 28.17 18.61
CA THR B 152 11.96 28.25 19.54
C THR B 152 13.01 27.25 19.04
N GLU B 153 14.27 27.44 19.42
CA GLU B 153 15.35 26.51 19.02
C GLU B 153 14.98 25.10 19.56
N ASP B 154 14.48 25.03 20.78
CA ASP B 154 14.12 23.73 21.44
C ASP B 154 12.97 23.07 20.69
N GLU B 155 11.96 23.84 20.27
CA GLU B 155 10.80 23.30 19.51
C GLU B 155 11.28 22.74 18.18
N ALA B 156 12.12 23.50 17.49
CA ALA B 156 12.74 23.09 16.22
C ALA B 156 13.43 21.73 16.38
N ARG B 157 14.30 21.59 17.38
N ARG B 157 14.32 21.62 17.37
CA ARG B 157 15.11 20.35 17.58
CA ARG B 157 15.13 20.41 17.70
C ARG B 157 14.18 19.18 17.99
C ARG B 157 14.18 19.23 17.97
N ALA B 158 13.19 19.42 18.85
CA ALA B 158 12.29 18.36 19.33
C ALA B 158 11.39 17.88 18.20
N ILE B 159 10.87 18.80 17.39
CA ILE B 159 9.93 18.41 16.31
C ILE B 159 10.77 17.73 15.21
N ALA B 160 11.94 18.27 14.92
CA ALA B 160 12.85 17.70 13.89
C ALA B 160 13.20 16.25 14.29
N GLU B 161 13.63 16.05 15.52
CA GLU B 161 14.14 14.74 15.94
C GLU B 161 13.01 13.71 15.91
N TYR B 162 11.79 14.09 16.31
CA TYR B 162 10.67 13.16 16.25
C TYR B 162 10.32 12.86 14.78
N SER B 163 10.21 13.89 13.96
CA SER B 163 9.86 13.81 12.52
C SER B 163 10.87 12.88 11.82
N MET B 164 12.14 13.09 12.10
CA MET B 164 13.22 12.34 11.44
C MET B 164 13.34 10.91 12.00
N TRP B 165 13.04 10.73 13.28
CA TRP B 165 12.92 9.38 13.87
C TRP B 165 11.86 8.60 13.11
N ILE B 166 10.70 9.19 12.82
CA ILE B 166 9.62 8.45 12.11
C ILE B 166 10.18 7.94 10.78
N GLN B 167 10.96 8.74 10.05
CA GLN B 167 11.63 8.30 8.81
C GLN B 167 12.55 7.10 9.13
N LEU B 168 13.43 7.23 10.13
CA LEU B 168 14.47 6.22 10.42
C LEU B 168 13.81 4.90 10.83
N ARG B 169 12.71 4.97 11.56
CA ARG B 169 11.97 3.80 12.09
C ARG B 169 11.46 2.96 10.91
N GLY B 170 11.11 3.61 9.80
CA GLY B 170 10.64 2.96 8.57
C GLY B 170 11.76 2.55 7.64
N GLY B 171 13.03 2.66 8.04
CA GLY B 171 14.17 2.18 7.23
C GLY B 171 14.87 3.27 6.43
N VAL B 172 14.53 4.53 6.61
CA VAL B 172 15.20 5.64 5.89
C VAL B 172 16.51 5.93 6.61
N THR B 173 17.63 5.61 5.94
CA THR B 173 18.96 5.82 6.50
C THR B 173 19.56 7.12 5.99
N THR B 174 19.14 7.59 4.82
CA THR B 174 19.59 8.86 4.20
C THR B 174 18.37 9.67 3.81
N LEU B 175 18.24 10.86 4.40
CA LEU B 175 17.06 11.71 4.22
C LEU B 175 17.48 13.03 3.57
N GLY B 176 16.76 13.46 2.52
CA GLY B 176 17.01 14.69 1.76
C GLY B 176 15.93 15.74 2.00
N ASP B 177 16.30 16.82 2.68
CA ASP B 177 15.43 18.02 2.87
C ASP B 177 15.29 18.76 1.53
N MET B 178 14.07 18.88 1.04
CA MET B 178 13.79 19.72 -0.14
C MET B 178 12.95 20.94 0.24
N GLY B 179 13.03 21.36 1.50
CA GLY B 179 12.51 22.65 2.01
C GLY B 179 11.56 22.39 3.16
N SER B 180 11.92 22.80 4.38
CA SER B 180 11.15 22.41 5.58
C SER B 180 10.66 23.63 6.36
N LEU B 181 9.54 23.48 7.08
CA LEU B 181 9.11 24.44 8.11
C LEU B 181 9.77 24.06 9.43
N ASN B 182 11.08 24.25 9.47
CA ASN B 182 11.94 23.99 10.64
C ASN B 182 13.25 24.76 10.44
N ARG B 183 14.09 24.83 11.46
CA ARG B 183 15.42 25.48 11.40
C ARG B 183 16.43 24.48 10.87
N PRO B 184 17.17 24.82 9.79
CA PRO B 184 18.16 23.91 9.20
C PRO B 184 19.11 23.35 10.25
N LEU B 185 19.70 24.18 11.10
CA LEU B 185 20.68 23.66 12.10
C LEU B 185 19.99 22.78 13.14
N ALA B 186 18.69 22.97 13.41
CA ALA B 186 17.92 22.05 14.29
C ALA B 186 17.80 20.66 13.64
N MET B 187 17.54 20.62 12.33
CA MET B 187 17.42 19.37 11.57
C MET B 187 18.79 18.68 11.50
N VAL B 188 19.88 19.43 11.34
CA VAL B 188 21.27 18.86 11.29
C VAL B 188 21.56 18.24 12.65
N GLU B 189 21.17 18.91 13.72
CA GLU B 189 21.40 18.41 15.10
C GLU B 189 20.61 17.11 15.27
N ALA B 190 19.35 17.09 14.83
CA ALA B 190 18.48 15.91 14.95
C ALA B 190 19.15 14.72 14.25
N ALA B 191 19.64 14.91 13.03
CA ALA B 191 20.28 13.84 12.25
C ALA B 191 21.52 13.36 12.99
N ARG B 192 22.30 14.30 13.49
N ARG B 192 22.31 14.30 13.48
CA ARG B 192 23.54 14.06 14.27
CA ARG B 192 23.54 14.04 14.28
C ARG B 192 23.20 13.16 15.47
C ARG B 192 23.18 13.13 15.46
N ARG B 193 22.14 13.48 16.23
CA ARG B 193 21.74 12.72 17.44
C ARG B 193 21.20 11.33 17.06
N LEU B 194 20.44 11.24 15.98
CA LEU B 194 19.77 9.98 15.58
C LEU B 194 20.76 8.98 14.95
N GLY B 195 21.92 9.41 14.45
CA GLY B 195 22.88 8.52 13.75
C GLY B 195 22.60 8.30 12.27
N MET B 196 21.60 8.95 11.70
CA MET B 196 21.20 8.78 10.28
C MET B 196 21.92 9.81 9.38
N ARG B 197 21.81 9.65 8.07
CA ARG B 197 22.43 10.58 7.10
C ARG B 197 21.36 11.60 6.71
N PHE B 198 21.78 12.82 6.42
CA PHE B 198 20.87 13.97 6.16
C PHE B 198 21.52 14.92 5.17
N SER B 199 20.82 15.20 4.08
CA SER B 199 21.13 16.27 3.11
C SER B 199 20.27 17.47 3.50
N ALA B 200 20.89 18.44 4.18
CA ALA B 200 20.24 19.62 4.79
C ALA B 200 19.99 20.66 3.71
N SER B 201 18.95 21.48 3.90
CA SER B 201 18.69 22.58 2.96
C SER B 201 18.20 23.81 3.73
N THR B 202 17.90 24.88 3.01
CA THR B 202 17.29 26.11 3.53
C THR B 202 16.00 26.38 2.77
N TRP B 203 15.12 27.16 3.36
CA TRP B 203 13.85 27.53 2.69
C TRP B 203 14.12 28.71 1.73
N ALA B 204 13.65 28.61 0.48
CA ALA B 204 14.02 29.55 -0.60
C ALA B 204 12.79 29.89 -1.44
N SER B 205 12.27 31.09 -1.19
CA SER B 205 11.11 31.73 -1.84
C SER B 205 11.45 33.21 -1.97
N ASP B 206 11.57 33.74 -3.18
CA ASP B 206 11.80 35.19 -3.33
C ASP B 206 10.71 35.80 -4.22
N ALA B 207 9.63 35.06 -4.52
CA ALA B 207 8.49 35.58 -5.30
C ALA B 207 7.16 34.98 -4.81
N VAL B 208 6.08 35.76 -4.90
CA VAL B 208 4.71 35.25 -4.60
C VAL B 208 3.81 35.74 -5.73
N LEU B 209 2.93 34.85 -6.19
CA LEU B 209 1.90 35.20 -7.20
C LEU B 209 0.81 35.97 -6.46
N ALA B 210 0.55 37.20 -6.86
CA ALA B 210 -0.51 38.04 -6.24
C ALA B 210 -1.55 38.35 -7.32
N PRO B 211 -2.68 37.58 -7.40
CA PRO B 211 -3.68 37.82 -8.44
C PRO B 211 -4.24 39.25 -8.34
N ASP B 212 -4.36 39.76 -7.13
CA ASP B 212 -4.88 41.13 -6.86
C ASP B 212 -3.96 42.20 -7.48
N ARG B 213 -2.72 41.87 -7.86
CA ARG B 213 -1.75 42.87 -8.37
C ARG B 213 -1.34 42.57 -9.82
N SER B 214 -1.89 41.53 -10.46
CA SER B 214 -1.58 41.09 -11.85
C SER B 214 -0.08 40.81 -12.01
N ARG B 215 0.64 40.49 -10.92
CA ARG B 215 2.09 40.20 -10.99
C ARG B 215 2.53 39.35 -9.79
N PHE B 216 3.78 38.90 -9.86
CA PHE B 216 4.49 38.34 -8.69
C PHE B 216 5.11 39.52 -7.93
N LEU B 217 4.98 39.51 -6.61
CA LEU B 217 5.76 40.39 -5.71
C LEU B 217 7.14 39.73 -5.57
N ARG B 218 8.21 40.53 -5.63
CA ARG B 218 9.59 40.08 -5.32
C ARG B 218 9.77 40.30 -3.82
N THR B 219 9.56 39.22 -3.07
CA THR B 219 9.35 39.22 -1.59
C THR B 219 10.69 39.20 -0.86
N ARG B 220 11.81 38.85 -1.53
CA ARG B 220 13.14 38.77 -0.87
C ARG B 220 14.24 39.04 -1.89
N ASP B 221 15.39 39.44 -1.38
CA ASP B 221 16.64 39.56 -2.17
C ASP B 221 17.18 38.13 -2.43
N ALA B 222 17.12 37.69 -3.68
CA ALA B 222 17.74 36.42 -4.11
C ALA B 222 19.09 36.25 -3.41
N ASP B 223 19.91 37.30 -3.35
CA ASP B 223 21.31 37.18 -2.86
C ASP B 223 21.36 36.88 -1.36
N THR B 224 20.36 37.34 -0.61
CA THR B 224 20.21 37.02 0.83
C THR B 224 19.76 35.57 1.01
N VAL B 225 18.84 35.10 0.18
CA VAL B 225 18.39 33.68 0.21
C VAL B 225 19.61 32.80 -0.02
N LEU B 226 20.46 33.17 -0.98
CA LEU B 226 21.67 32.41 -1.35
C LEU B 226 22.69 32.46 -0.20
N ALA B 227 22.86 33.62 0.45
CA ALA B 227 23.82 33.77 1.56
C ALA B 227 23.37 32.87 2.72
N SER B 228 22.07 32.73 3.01
CA SER B 228 21.56 31.78 4.05
C SER B 228 22.00 30.35 3.73
N PHE B 229 21.87 29.91 2.46
CA PHE B 229 22.37 28.58 2.04
C PHE B 229 23.90 28.48 2.23
N GLU B 230 24.69 29.50 1.86
CA GLU B 230 26.17 29.51 2.10
C GLU B 230 26.49 29.35 3.60
N ALA B 231 25.75 29.98 4.50
CA ALA B 231 25.97 29.88 5.96
C ALA B 231 25.63 28.45 6.41
N LEU B 232 24.54 27.86 5.95
CA LEU B 232 24.24 26.44 6.26
C LEU B 232 25.41 25.58 5.76
N LEU B 233 25.84 25.78 4.53
CA LEU B 233 26.98 25.01 3.95
C LEU B 233 28.22 25.09 4.87
N GLY B 234 28.59 26.27 5.39
CA GLY B 234 29.71 26.42 6.36
C GLY B 234 29.52 25.58 7.63
N ALA B 235 28.32 25.59 8.23
CA ALA B 235 27.98 24.84 9.45
C ALA B 235 28.03 23.33 9.18
N VAL B 236 27.53 22.87 8.03
CA VAL B 236 27.56 21.40 7.76
CA VAL B 236 27.55 21.41 7.70
C VAL B 236 29.00 20.94 7.51
N ALA B 237 29.85 21.79 6.93
CA ALA B 237 31.26 21.44 6.66
C ALA B 237 31.98 21.19 7.99
N ALA B 238 31.55 21.82 9.10
CA ALA B 238 32.18 21.67 10.42
C ALA B 238 31.73 20.37 11.12
N ASP B 239 30.75 19.67 10.58
CA ASP B 239 30.28 18.38 11.16
C ASP B 239 31.25 17.29 10.68
N PRO B 240 31.89 16.55 11.59
CA PRO B 240 32.94 15.60 11.22
C PRO B 240 32.47 14.14 11.00
N THR B 241 31.17 13.84 11.06
CA THR B 241 30.67 12.43 11.05
C THR B 241 30.64 11.83 9.64
N GLY B 242 30.62 12.65 8.59
CA GLY B 242 30.42 12.22 7.19
C GLY B 242 28.94 11.97 6.92
N ARG B 243 28.06 12.16 7.89
CA ARG B 243 26.63 11.81 7.76
C ARG B 243 25.80 13.01 7.30
N ILE B 244 26.37 14.21 7.27
CA ILE B 244 25.61 15.44 6.93
C ILE B 244 26.20 16.03 5.64
N ARG B 245 25.35 16.20 4.63
CA ARG B 245 25.69 16.98 3.41
C ARG B 245 24.67 18.09 3.30
N CYS B 246 24.70 18.89 2.24
CA CYS B 246 23.59 19.84 1.97
C CYS B 246 23.39 20.00 0.46
N ARG B 247 22.21 20.50 0.14
CA ARG B 247 21.75 20.69 -1.24
C ARG B 247 20.80 21.85 -1.22
N PRO B 248 21.07 22.89 -2.03
CA PRO B 248 20.14 24.01 -2.12
C PRO B 248 18.89 23.52 -2.86
N ASN B 249 17.75 24.01 -2.42
CA ASN B 249 16.50 23.88 -3.19
C ASN B 249 15.86 25.26 -3.47
N VAL B 250 15.03 25.29 -4.49
CA VAL B 250 14.00 26.36 -4.62
C VAL B 250 12.67 25.76 -4.19
N SER B 251 11.93 26.43 -3.31
CA SER B 251 10.63 25.93 -2.80
C SER B 251 9.80 25.37 -3.96
N TYR B 252 9.56 26.20 -4.96
CA TYR B 252 8.66 25.96 -6.10
C TYR B 252 8.98 27.03 -7.15
N VAL B 253 8.91 26.64 -8.43
CA VAL B 253 9.31 27.54 -9.54
C VAL B 253 8.36 28.74 -9.59
N THR B 254 7.16 28.67 -8.98
CA THR B 254 6.26 29.84 -8.88
C THR B 254 6.96 30.92 -8.05
N ASN B 255 7.75 30.53 -7.06
CA ASN B 255 8.28 31.42 -5.99
C ASN B 255 9.75 31.76 -6.25
N MET B 256 10.16 31.78 -7.51
CA MET B 256 11.58 31.83 -7.92
C MET B 256 11.71 32.94 -8.97
N THR B 257 12.51 33.96 -8.69
CA THR B 257 12.89 34.96 -9.70
C THR B 257 14.00 34.39 -10.59
N ASP B 258 14.22 35.02 -11.73
CA ASP B 258 15.35 34.72 -12.64
C ASP B 258 16.66 34.82 -11.87
N GLU B 259 16.75 35.79 -10.96
CA GLU B 259 17.98 36.10 -10.21
C GLU B 259 18.22 35.00 -9.16
N LEU B 260 17.16 34.50 -8.51
CA LEU B 260 17.35 33.31 -7.63
C LEU B 260 17.82 32.09 -8.45
N ALA B 261 17.21 31.82 -9.61
CA ALA B 261 17.55 30.65 -10.46
C ALA B 261 19.01 30.76 -10.91
N ARG B 262 19.45 31.95 -11.31
CA ARG B 262 20.84 32.16 -11.83
C ARG B 262 21.84 32.04 -10.67
N GLY B 263 21.51 32.63 -9.52
CA GLY B 263 22.33 32.55 -8.29
C GLY B 263 22.49 31.10 -7.82
N MET B 264 21.41 30.31 -7.88
CA MET B 264 21.45 28.86 -7.58
C MET B 264 22.42 28.15 -8.53
N ALA B 265 22.32 28.43 -9.84
CA ALA B 265 23.17 27.81 -10.88
C ALA B 265 24.64 28.09 -10.54
N GLU B 266 24.97 29.33 -10.20
CA GLU B 266 26.36 29.77 -9.88
C GLU B 266 26.84 29.05 -8.61
N LEU B 267 26.00 29.03 -7.58
CA LEU B 267 26.31 28.40 -6.26
C LEU B 267 26.64 26.90 -6.45
N VAL B 268 25.80 26.16 -7.15
CA VAL B 268 25.95 24.68 -7.23
C VAL B 268 27.14 24.36 -8.12
N GLU B 269 27.44 25.20 -9.11
CA GLU B 269 28.67 25.06 -9.94
C GLU B 269 29.90 25.36 -9.08
N ARG B 270 29.88 26.41 -8.27
CA ARG B 270 31.07 26.84 -7.49
C ARG B 270 31.41 25.78 -6.44
N HIS B 271 30.43 25.20 -5.75
CA HIS B 271 30.61 24.25 -4.62
C HIS B 271 30.44 22.79 -5.06
N ASP B 272 30.16 22.54 -6.34
CA ASP B 272 29.94 21.21 -6.96
C ASP B 272 28.89 20.45 -6.14
N LEU B 273 27.66 20.95 -6.15
CA LEU B 273 26.54 20.44 -5.34
C LEU B 273 25.44 19.95 -6.25
N PRO B 274 24.56 19.07 -5.72
CA PRO B 274 23.27 18.83 -6.37
C PRO B 274 22.33 20.05 -6.21
N PHE B 275 21.19 20.03 -6.92
CA PHE B 275 20.15 21.09 -6.86
C PHE B 275 18.79 20.44 -6.93
N ALA B 276 17.79 20.99 -6.21
CA ALA B 276 16.45 20.40 -6.16
C ALA B 276 15.37 21.49 -6.20
N THR B 277 14.25 21.19 -6.80
CA THR B 277 13.04 22.04 -6.78
C THR B 277 11.83 21.18 -7.12
N HIS B 278 10.65 21.77 -6.96
CA HIS B 278 9.37 21.24 -7.49
C HIS B 278 9.08 21.97 -8.82
N VAL B 279 8.68 21.21 -9.83
CA VAL B 279 8.44 21.75 -11.20
C VAL B 279 7.53 20.77 -11.94
N GLY B 280 6.59 21.30 -12.74
CA GLY B 280 5.67 20.49 -13.54
C GLY B 280 4.83 19.59 -12.65
N ALA B 281 4.40 20.11 -11.51
CA ALA B 281 3.85 19.32 -10.40
C ALA B 281 2.33 19.24 -10.49
N LEU B 282 1.71 20.25 -11.07
CA LEU B 282 0.25 20.49 -11.00
C LEU B 282 -0.28 20.89 -12.38
N ARG B 283 -1.50 20.48 -12.70
CA ARG B 283 -2.19 20.82 -13.96
C ARG B 283 -2.16 22.33 -14.20
N ASN B 284 -2.49 23.16 -13.20
CA ASN B 284 -2.66 24.64 -13.33
C ASN B 284 -1.31 25.37 -13.24
N GLU B 285 -0.20 24.66 -13.04
CA GLU B 285 1.14 25.32 -12.87
C GLU B 285 1.53 26.07 -14.16
N ALA B 286 1.47 25.39 -15.32
CA ALA B 286 1.94 25.93 -16.63
C ALA B 286 1.26 27.27 -16.91
N ASP B 287 -0.06 27.36 -16.74
CA ASP B 287 -0.81 28.60 -17.02
C ASP B 287 -0.32 29.71 -16.08
N ALA B 288 -0.11 29.44 -14.78
CA ALA B 288 0.28 30.45 -13.77
C ALA B 288 1.71 30.89 -14.09
N MET B 289 2.59 29.95 -14.45
CA MET B 289 4.00 30.26 -14.82
C MET B 289 4.05 31.16 -16.05
N ARG B 290 3.20 30.93 -17.05
CA ARG B 290 3.26 31.72 -18.31
C ARG B 290 2.73 33.13 -18.03
N ALA B 291 1.68 33.24 -17.21
CA ALA B 291 1.02 34.52 -16.88
C ALA B 291 1.93 35.36 -15.98
N TYR B 292 2.56 34.77 -14.96
CA TYR B 292 3.34 35.55 -13.95
C TYR B 292 4.83 35.65 -14.34
N HIS B 293 5.38 34.67 -15.04
CA HIS B 293 6.83 34.60 -15.32
C HIS B 293 7.13 34.57 -16.83
N GLY B 294 6.15 34.40 -17.70
CA GLY B 294 6.35 34.40 -19.18
C GLY B 294 6.59 33.01 -19.75
N GLU B 295 6.90 32.03 -18.90
CA GLU B 295 7.61 30.80 -19.31
C GLU B 295 7.29 29.70 -18.28
N THR B 296 7.12 28.45 -18.74
CA THR B 296 6.91 27.28 -17.88
C THR B 296 8.19 26.96 -17.09
N GLY B 297 8.09 26.09 -16.11
CA GLY B 297 9.12 25.96 -15.05
C GLY B 297 10.39 25.31 -15.58
N VAL B 298 10.28 24.22 -16.34
CA VAL B 298 11.48 23.50 -16.84
C VAL B 298 12.22 24.43 -17.81
N ARG B 299 11.51 25.23 -18.62
CA ARG B 299 12.17 26.18 -19.56
C ARG B 299 12.92 27.24 -18.75
N ARG B 300 12.32 27.79 -17.69
CA ARG B 300 12.99 28.84 -16.86
C ARG B 300 14.23 28.23 -16.19
N LEU B 301 14.13 26.98 -15.73
CA LEU B 301 15.28 26.28 -15.11
C LEU B 301 16.37 26.09 -16.17
N ALA B 302 16.01 25.64 -17.36
CA ALA B 302 16.99 25.35 -18.44
C ALA B 302 17.71 26.65 -18.82
N GLU B 303 17.00 27.77 -18.89
CA GLU B 303 17.62 29.08 -19.22
C GLU B 303 18.66 29.48 -18.16
N ALA B 304 18.45 29.12 -16.89
CA ALA B 304 19.36 29.46 -15.78
C ALA B 304 20.53 28.47 -15.76
N GLY B 305 20.49 27.45 -16.61
CA GLY B 305 21.47 26.34 -16.63
C GLY B 305 21.28 25.33 -15.51
N LEU B 306 20.06 25.15 -14.98
CA LEU B 306 19.76 24.19 -13.88
C LEU B 306 19.19 22.85 -14.38
N VAL B 307 18.92 22.68 -15.67
CA VAL B 307 18.43 21.37 -16.20
C VAL B 307 19.66 20.56 -16.66
N ASP B 308 20.24 19.84 -15.72
CA ASP B 308 21.46 19.03 -15.94
C ASP B 308 21.46 17.88 -14.91
N GLU B 309 22.57 17.15 -14.85
CA GLU B 309 22.72 15.97 -13.98
C GLU B 309 22.56 16.31 -12.49
N ARG B 310 22.69 17.57 -12.07
CA ARG B 310 22.59 17.95 -10.64
C ARG B 310 21.12 18.02 -10.21
N LEU B 311 20.20 18.13 -11.17
CA LEU B 311 18.79 18.50 -10.87
C LEU B 311 18.02 17.29 -10.35
N MET B 312 17.40 17.45 -9.20
CA MET B 312 16.32 16.55 -8.76
C MET B 312 15.02 17.37 -8.81
N ALA B 313 14.16 16.99 -9.73
CA ALA B 313 12.88 17.66 -9.99
C ALA B 313 11.79 16.84 -9.29
N GLY B 314 11.12 17.44 -8.32
CA GLY B 314 9.96 16.83 -7.64
C GLY B 314 8.74 16.88 -8.52
N HIS B 315 8.17 15.71 -8.77
CA HIS B 315 6.89 15.44 -9.45
C HIS B 315 7.09 15.46 -10.96
N SER B 316 7.31 16.61 -11.56
CA SER B 316 7.83 16.76 -12.93
C SER B 316 7.03 15.93 -13.92
N ALA B 317 5.69 15.98 -13.85
CA ALA B 317 4.76 15.21 -14.72
C ALA B 317 4.06 16.07 -15.79
N PHE B 318 3.82 17.35 -15.53
CA PHE B 318 3.12 18.25 -16.49
C PHE B 318 4.18 18.98 -17.32
N LEU B 319 4.77 18.23 -18.21
CA LEU B 319 5.90 18.66 -19.08
C LEU B 319 5.44 18.40 -20.51
N ASP B 320 5.69 19.33 -21.42
CA ASP B 320 5.42 19.12 -22.86
C ASP B 320 6.65 18.45 -23.49
N ASP B 321 6.60 18.23 -24.79
CA ASP B 321 7.64 17.47 -25.52
C ASP B 321 8.98 18.15 -25.33
N GLN B 322 9.05 19.47 -25.43
CA GLN B 322 10.36 20.19 -25.39
C GLN B 322 10.96 20.00 -23.99
N GLU B 323 10.13 20.14 -22.96
CA GLU B 323 10.55 20.01 -21.53
C GLU B 323 11.05 18.57 -21.25
N GLN B 324 10.32 17.56 -21.71
CA GLN B 324 10.69 16.12 -21.61
C GLN B 324 12.07 15.95 -22.27
N LYS B 325 12.25 16.51 -23.45
CA LYS B 325 13.54 16.39 -24.18
C LYS B 325 14.67 17.14 -23.46
N LEU B 326 14.41 18.32 -22.86
CA LEU B 326 15.40 19.03 -22.01
C LEU B 326 15.86 18.15 -20.83
N MET B 327 14.93 17.50 -20.13
CA MET B 327 15.20 16.62 -18.97
C MET B 327 16.08 15.44 -19.44
N LEU B 328 15.70 14.79 -20.55
CA LEU B 328 16.50 13.66 -21.07
C LEU B 328 17.88 14.12 -21.50
N ALA B 329 17.99 15.19 -22.29
CA ALA B 329 19.26 15.67 -22.85
C ALA B 329 20.18 16.10 -21.69
N GLY B 330 19.63 16.67 -20.63
CA GLY B 330 20.43 17.05 -19.46
C GLY B 330 20.73 15.89 -18.53
N ARG B 331 20.11 14.72 -18.72
CA ARG B 331 20.23 13.56 -17.78
C ARG B 331 19.86 14.03 -16.36
N ALA B 332 18.78 14.81 -16.26
CA ALA B 332 18.26 15.29 -14.97
C ALA B 332 17.57 14.12 -14.29
N HIS B 333 17.03 14.38 -13.11
CA HIS B 333 16.54 13.31 -12.23
C HIS B 333 15.13 13.69 -11.81
N ILE B 334 14.21 12.75 -11.80
CA ILE B 334 12.85 13.03 -11.26
C ILE B 334 12.63 12.18 -10.02
N SER B 335 12.15 12.81 -8.96
CA SER B 335 11.67 12.17 -7.72
C SER B 335 10.15 12.20 -7.79
N HIS B 336 9.54 11.02 -7.70
CA HIS B 336 8.08 10.75 -7.85
C HIS B 336 7.54 10.26 -6.51
N SER B 337 6.32 10.64 -6.16
CA SER B 337 5.70 10.26 -4.87
C SER B 337 4.33 9.63 -5.12
N PRO B 338 4.24 8.50 -5.86
CA PRO B 338 2.96 7.87 -6.20
C PRO B 338 2.19 7.32 -4.99
N GLY B 339 2.86 7.20 -3.85
CA GLY B 339 2.22 6.84 -2.57
C GLY B 339 1.30 7.94 -2.02
N LYS B 340 1.53 9.21 -2.37
CA LYS B 340 0.85 10.31 -1.64
C LYS B 340 0.03 11.24 -2.58
N TYR B 341 0.02 11.00 -3.90
CA TYR B 341 -0.74 11.90 -4.83
C TYR B 341 -2.24 11.89 -4.51
N GLY B 342 -2.87 10.72 -4.46
CA GLY B 342 -4.35 10.64 -4.31
C GLY B 342 -4.85 11.42 -3.10
N PRO B 343 -4.30 11.16 -1.90
CA PRO B 343 -4.74 11.87 -0.69
C PRO B 343 -4.52 13.40 -0.71
N SER B 344 -3.54 13.91 -1.47
N SER B 344 -3.54 13.91 -1.47
CA SER B 344 -3.32 15.37 -1.73
CA SER B 344 -3.33 15.37 -1.69
C SER B 344 -4.19 15.90 -2.88
C SER B 344 -4.15 15.90 -2.90
N GLY B 345 -4.81 15.01 -3.65
CA GLY B 345 -5.57 15.37 -4.87
C GLY B 345 -4.64 15.73 -6.03
N GLU B 346 -3.36 15.37 -5.95
CA GLU B 346 -2.39 15.54 -7.07
C GLU B 346 -2.65 14.47 -8.14
N SER B 347 -2.22 14.69 -9.38
CA SER B 347 -2.51 13.78 -10.53
C SER B 347 -1.22 13.62 -11.36
N ALA B 348 -0.09 13.61 -10.67
CA ALA B 348 1.25 13.61 -11.27
C ALA B 348 1.68 12.21 -11.72
N LEU B 349 0.78 11.20 -11.68
CA LEU B 349 1.07 9.87 -12.29
C LEU B 349 0.30 9.68 -13.61
N THR B 350 -1.04 9.62 -13.54
CA THR B 350 -1.89 9.09 -14.65
C THR B 350 -2.36 10.20 -15.61
N GLU B 351 -2.46 11.46 -15.17
CA GLU B 351 -3.16 12.49 -15.99
C GLU B 351 -2.30 12.69 -17.25
N THR B 352 -0.98 12.59 -17.11
CA THR B 352 -0.04 12.77 -18.24
C THR B 352 0.72 11.48 -18.52
N GLY B 353 1.01 10.65 -17.51
CA GLY B 353 1.82 9.44 -17.73
C GLY B 353 3.26 9.79 -18.13
N VAL B 354 3.67 11.03 -17.92
CA VAL B 354 4.98 11.53 -18.40
C VAL B 354 6.11 10.88 -17.60
N VAL B 355 5.95 10.68 -16.30
CA VAL B 355 7.10 10.22 -15.48
C VAL B 355 7.45 8.77 -15.84
N PRO B 356 6.48 7.82 -15.91
CA PRO B 356 6.77 6.48 -16.39
C PRO B 356 7.36 6.46 -17.81
N ALA B 357 6.87 7.35 -18.69
CA ALA B 357 7.34 7.47 -20.09
C ALA B 357 8.80 7.94 -20.09
N LEU B 358 9.16 8.93 -19.27
CA LEU B 358 10.57 9.41 -19.17
C LEU B 358 11.46 8.30 -18.60
N ARG B 359 10.99 7.57 -17.58
CA ARG B 359 11.75 6.41 -17.04
C ARG B 359 12.00 5.38 -18.17
N ARG B 360 10.98 5.04 -18.96
CA ARG B 360 11.14 4.08 -20.10
C ARG B 360 12.15 4.66 -21.10
N ALA B 361 12.24 5.97 -21.26
CA ALA B 361 13.19 6.59 -22.23
C ALA B 361 14.59 6.71 -21.63
N GLY B 362 14.83 6.25 -20.39
CA GLY B 362 16.17 6.21 -19.79
C GLY B 362 16.41 7.32 -18.75
N LEU B 363 15.43 8.17 -18.39
CA LEU B 363 15.67 9.15 -17.31
C LEU B 363 15.75 8.41 -15.96
N ASP B 364 16.66 8.83 -15.08
CA ASP B 364 16.71 8.39 -13.67
C ASP B 364 15.45 8.86 -12.96
N VAL B 365 14.66 7.92 -12.45
CA VAL B 365 13.46 8.24 -11.65
C VAL B 365 13.54 7.48 -10.33
N SER B 366 13.36 8.20 -9.22
CA SER B 366 13.44 7.66 -7.85
C SER B 366 12.11 7.89 -7.15
N LEU B 367 11.91 7.25 -6.01
CA LEU B 367 10.64 7.29 -5.25
C LEU B 367 10.89 7.97 -3.91
N SER B 368 9.94 8.81 -3.50
CA SER B 368 10.10 9.68 -2.33
C SER B 368 8.72 9.83 -1.65
N THR B 369 8.70 10.31 -0.41
CA THR B 369 7.46 10.46 0.40
C THR B 369 6.92 11.88 0.38
N ASP B 370 7.74 12.88 0.05
CA ASP B 370 7.31 14.30 0.05
C ASP B 370 7.03 14.77 1.50
N ALA B 371 5.98 15.61 1.69
CA ALA B 371 5.63 16.35 2.92
C ALA B 371 4.49 15.63 3.65
N ALA B 372 4.51 15.71 4.97
CA ALA B 372 3.54 15.16 5.92
C ALA B 372 3.64 15.97 7.21
N ALA B 373 2.52 16.41 7.78
CA ALA B 373 2.44 17.12 9.08
C ALA B 373 2.10 16.12 10.19
N LEU B 374 1.59 14.97 9.80
CA LEU B 374 1.42 13.76 10.63
C LEU B 374 1.91 12.59 9.79
N PRO B 375 2.26 11.43 10.39
CA PRO B 375 2.79 10.30 9.61
C PRO B 375 1.90 9.95 8.41
N GLY B 376 2.54 9.87 7.25
CA GLY B 376 1.97 9.40 5.98
C GLY B 376 2.80 8.27 5.40
N ALA B 377 2.48 7.87 4.16
CA ALA B 377 3.14 6.75 3.46
C ALA B 377 4.64 6.93 3.64
N GLY B 378 5.36 5.88 3.99
CA GLY B 378 6.83 5.87 4.03
C GLY B 378 7.37 5.36 2.73
N ILE B 379 8.68 5.15 2.69
CA ILE B 379 9.33 4.61 1.49
C ILE B 379 8.75 3.24 1.17
N ALA B 380 8.55 2.38 2.16
CA ALA B 380 8.07 0.99 1.91
C ALA B 380 6.72 1.04 1.23
N GLU B 381 5.83 1.94 1.70
CA GLU B 381 4.49 2.14 1.08
C GLU B 381 4.63 2.68 -0.35
N THR B 382 5.53 3.61 -0.57
CA THR B 382 5.77 4.21 -1.92
C THR B 382 6.30 3.15 -2.89
N MET B 383 7.17 2.25 -2.44
CA MET B 383 7.63 1.13 -3.31
C MET B 383 6.43 0.31 -3.77
N ARG B 384 5.54 -0.03 -2.86
CA ARG B 384 4.36 -0.82 -3.22
C ARG B 384 3.56 -0.03 -4.27
N ALA B 385 3.32 1.25 -4.01
CA ALA B 385 2.54 2.12 -4.91
C ALA B 385 3.14 2.09 -6.32
N ALA B 386 4.46 2.27 -6.43
CA ALA B 386 5.13 2.31 -7.76
C ALA B 386 4.91 0.97 -8.47
N TRP B 387 5.10 -0.15 -7.75
CA TRP B 387 4.97 -1.54 -8.28
C TRP B 387 3.56 -1.79 -8.82
N GLN B 388 2.53 -1.42 -8.04
CA GLN B 388 1.12 -1.55 -8.46
C GLN B 388 0.84 -0.62 -9.65
N MET B 389 1.20 0.66 -9.50
CA MET B 389 0.59 1.76 -10.30
C MET B 389 1.27 1.86 -11.65
N TYR B 390 2.59 1.76 -11.73
CA TYR B 390 3.31 1.84 -13.03
C TYR B 390 2.91 0.64 -13.88
N ASN B 391 2.86 -0.54 -13.26
CA ASN B 391 2.61 -1.84 -13.94
C ASN B 391 1.17 -1.90 -14.43
N GLU B 392 0.21 -1.44 -13.63
CA GLU B 392 -1.21 -1.37 -14.06
C GLU B 392 -1.36 -0.45 -15.28
N MET B 393 -0.74 0.73 -15.28
CA MET B 393 -0.94 1.73 -16.36
C MET B 393 -0.42 1.19 -17.70
N SER B 394 0.63 0.38 -17.71
CA SER B 394 1.24 -0.16 -18.96
C SER B 394 0.83 -1.61 -19.22
N ALA B 395 -0.08 -2.20 -18.44
CA ALA B 395 -0.49 -3.62 -18.58
C ALA B 395 0.77 -4.51 -18.66
N ASP B 396 1.71 -4.31 -17.73
CA ASP B 396 3.08 -4.89 -17.78
C ASP B 396 3.62 -5.07 -16.35
N GLN B 397 3.63 -6.31 -15.87
CA GLN B 397 4.15 -6.69 -14.52
C GLN B 397 5.69 -6.61 -14.48
N THR B 398 6.35 -6.29 -15.60
CA THR B 398 7.84 -6.18 -15.62
C THR B 398 8.29 -4.72 -15.75
N GLU B 399 7.38 -3.77 -15.90
CA GLU B 399 7.81 -2.36 -16.10
C GLU B 399 8.53 -1.91 -14.81
N VAL B 400 7.90 -2.10 -13.67
CA VAL B 400 8.58 -1.89 -12.36
C VAL B 400 8.56 -3.24 -11.66
N LEU B 401 9.64 -3.98 -11.77
CA LEU B 401 9.82 -5.20 -10.94
C LEU B 401 9.98 -4.76 -9.48
N PRO B 402 9.66 -5.64 -8.51
CA PRO B 402 9.93 -5.34 -7.12
C PRO B 402 11.38 -4.90 -6.92
N THR B 403 12.35 -5.49 -7.61
CA THR B 403 13.77 -5.05 -7.43
C THR B 403 13.98 -3.65 -8.01
N ASP B 404 13.19 -3.26 -9.01
CA ASP B 404 13.25 -1.89 -9.58
C ASP B 404 12.72 -0.92 -8.52
N ALA B 405 11.58 -1.24 -7.88
CA ALA B 405 11.00 -0.36 -6.86
C ALA B 405 12.04 -0.17 -5.75
N LEU B 406 12.75 -1.23 -5.39
CA LEU B 406 13.81 -1.13 -4.37
C LEU B 406 14.92 -0.17 -4.86
N ALA B 407 15.40 -0.36 -6.10
CA ALA B 407 16.47 0.47 -6.70
C ALA B 407 16.05 1.94 -6.67
N MET B 408 14.75 2.18 -6.92
CA MET B 408 14.19 3.55 -7.03
C MET B 408 14.19 4.26 -5.66
N ALA B 409 14.17 3.47 -4.57
CA ALA B 409 14.15 3.91 -3.17
C ALA B 409 15.52 3.79 -2.52
N THR B 410 16.56 3.42 -3.27
CA THR B 410 17.91 3.17 -2.73
C THR B 410 18.92 3.80 -3.70
N ARG B 411 19.46 3.01 -4.62
CA ARG B 411 20.63 3.39 -5.46
C ARG B 411 20.25 4.59 -6.33
N ILE B 412 19.11 4.51 -7.00
CA ILE B 412 18.71 5.55 -7.98
C ILE B 412 18.46 6.85 -7.21
N ALA B 413 17.84 6.76 -6.02
CA ALA B 413 17.58 7.96 -5.18
C ALA B 413 18.92 8.54 -4.70
N ALA B 414 19.86 7.68 -4.31
CA ALA B 414 21.22 8.10 -3.92
C ALA B 414 21.84 8.86 -5.10
N LYS B 415 21.71 8.34 -6.31
CA LYS B 415 22.32 8.99 -7.50
C LYS B 415 21.73 10.39 -7.67
N GLY B 416 20.42 10.53 -7.52
CA GLY B 416 19.77 11.83 -7.69
C GLY B 416 20.20 12.79 -6.60
N LEU B 417 20.53 12.29 -5.41
CA LEU B 417 20.96 13.11 -4.25
C LEU B 417 22.46 13.41 -4.31
N ARG B 418 23.20 12.78 -5.22
CA ARG B 418 24.69 12.79 -5.29
C ARG B 418 25.29 12.23 -4.00
N TRP B 419 24.71 11.15 -3.50
CA TRP B 419 25.26 10.38 -2.37
C TRP B 419 25.56 8.93 -2.78
N ASP B 420 25.46 8.58 -4.07
CA ASP B 420 25.67 7.18 -4.54
C ASP B 420 27.17 6.82 -4.48
N ASP B 421 28.03 7.76 -4.16
CA ASP B 421 29.46 7.50 -3.86
C ASP B 421 29.54 6.63 -2.60
N ALA B 422 28.58 6.72 -1.69
CA ALA B 422 28.72 6.13 -0.34
C ALA B 422 27.51 5.26 0.04
N VAL B 423 26.31 5.58 -0.46
CA VAL B 423 25.07 4.88 -0.04
C VAL B 423 24.24 4.40 -1.25
N GLY B 424 23.17 3.68 -0.95
CA GLY B 424 22.15 3.29 -1.92
C GLY B 424 22.29 1.86 -2.39
N SER B 425 23.43 1.21 -2.16
CA SER B 425 23.58 -0.21 -2.54
C SER B 425 24.54 -0.95 -1.60
N LEU B 426 24.36 -2.26 -1.50
CA LEU B 426 25.24 -3.15 -0.69
C LEU B 426 26.31 -3.67 -1.64
N GLU B 427 27.36 -2.90 -1.76
CA GLU B 427 28.52 -3.22 -2.62
C GLU B 427 29.76 -2.92 -1.79
N PRO B 428 30.86 -3.65 -2.03
CA PRO B 428 32.09 -3.38 -1.29
C PRO B 428 32.50 -1.92 -1.49
N GLY B 429 32.88 -1.24 -0.40
CA GLY B 429 33.35 0.17 -0.42
C GLY B 429 32.23 1.15 -0.14
N LYS B 430 30.99 0.73 -0.17
CA LYS B 430 29.87 1.63 0.22
CA LYS B 430 29.85 1.60 0.21
C LYS B 430 29.66 1.52 1.74
N GLN B 431 29.01 2.52 2.32
CA GLN B 431 28.67 2.52 3.76
C GLN B 431 27.79 1.29 4.08
N ALA B 432 28.01 0.73 5.26
CA ALA B 432 27.21 -0.35 5.87
C ALA B 432 25.88 0.20 6.39
N ASP B 433 25.00 0.57 5.47
CA ASP B 433 23.62 1.05 5.71
C ASP B 433 22.67 -0.06 5.28
N LEU B 434 22.04 -0.74 6.22
CA LEU B 434 21.11 -1.82 5.80
C LEU B 434 20.00 -2.06 6.79
N LEU B 435 19.01 -2.74 6.25
CA LEU B 435 17.72 -3.03 6.89
C LEU B 435 17.63 -4.53 7.00
N LEU B 436 17.09 -5.01 8.11
CA LEU B 436 16.64 -6.41 8.25
C LEU B 436 15.13 -6.36 8.45
N VAL B 437 14.43 -7.23 7.74
CA VAL B 437 12.97 -7.43 7.83
C VAL B 437 12.75 -8.92 8.08
N ARG B 438 11.97 -9.25 9.10
CA ARG B 438 11.68 -10.68 9.43
C ARG B 438 10.82 -11.27 8.33
N THR B 439 11.15 -12.48 7.86
CA THR B 439 10.40 -13.16 6.77
C THR B 439 9.81 -14.47 7.28
N ASP B 440 9.57 -14.60 8.57
CA ASP B 440 9.23 -15.91 9.13
C ASP B 440 7.72 -15.98 9.40
N ASP B 441 6.92 -14.95 9.12
CA ASP B 441 5.44 -15.07 9.32
C ASP B 441 4.71 -15.45 8.03
N TRP B 442 3.39 -15.62 8.11
CA TRP B 442 2.48 -16.14 7.04
C TRP B 442 2.67 -15.40 5.72
N ARG B 443 3.02 -14.12 5.77
CA ARG B 443 3.08 -13.24 4.59
C ARG B 443 4.14 -13.75 3.62
N TYR B 444 5.24 -14.29 4.16
CA TYR B 444 6.46 -14.66 3.41
C TYR B 444 6.56 -16.16 3.13
N LEU B 445 5.66 -16.98 3.67
CA LEU B 445 5.84 -18.46 3.67
C LEU B 445 5.91 -18.99 2.24
N LEU B 446 7.00 -19.71 1.94
CA LEU B 446 7.32 -20.41 0.68
C LEU B 446 7.71 -19.44 -0.43
N ASN B 447 7.73 -18.13 -0.22
CA ASN B 447 8.04 -17.19 -1.32
C ASN B 447 9.56 -17.08 -1.44
N PRO B 448 10.21 -17.52 -2.54
CA PRO B 448 11.65 -17.26 -2.71
C PRO B 448 11.95 -15.78 -2.96
N ARG B 449 10.90 -14.95 -3.11
CA ARG B 449 11.01 -13.49 -3.34
C ARG B 449 10.42 -12.73 -2.17
N PRO B 450 11.08 -12.72 -0.99
CA PRO B 450 10.52 -12.05 0.17
C PRO B 450 10.26 -10.54 -0.09
N LEU B 451 10.98 -9.88 -1.00
CA LEU B 451 10.71 -8.45 -1.31
C LEU B 451 9.30 -8.28 -1.88
N GLU B 452 8.86 -9.23 -2.70
CA GLU B 452 7.52 -9.23 -3.32
C GLU B 452 6.45 -9.33 -2.21
N SER B 453 6.62 -10.25 -1.25
CA SER B 453 5.71 -10.40 -0.07
C SER B 453 5.69 -9.09 0.74
N PHE B 454 6.85 -8.47 0.92
CA PHE B 454 7.02 -7.19 1.65
C PHE B 454 6.19 -6.10 0.94
N LEU B 455 6.26 -6.04 -0.40
CA LEU B 455 5.47 -5.06 -1.18
C LEU B 455 3.97 -5.40 -1.12
N TRP B 456 3.62 -6.68 -1.09
CA TRP B 456 2.20 -7.13 -1.04
C TRP B 456 1.58 -6.76 0.31
N LEU B 457 2.28 -7.04 1.42
CA LEU B 457 1.63 -7.20 2.74
C LEU B 457 2.40 -6.58 3.92
N ALA B 458 3.50 -5.85 3.69
CA ALA B 458 4.30 -5.25 4.77
C ALA B 458 4.54 -3.77 4.46
N GLY B 459 5.22 -3.10 5.36
CA GLY B 459 5.38 -1.64 5.32
C GLY B 459 6.42 -1.16 6.30
N SER B 460 6.43 0.15 6.53
CA SER B 460 7.44 0.85 7.36
C SER B 460 7.60 0.17 8.74
N ALA B 461 6.51 -0.17 9.42
CA ALA B 461 6.53 -0.77 10.78
C ALA B 461 7.17 -2.17 10.77
N ASP B 462 7.26 -2.84 9.63
CA ASP B 462 7.85 -4.20 9.54
C ASP B 462 9.36 -4.11 9.39
N VAL B 463 9.93 -2.92 9.35
CA VAL B 463 11.42 -2.81 9.42
C VAL B 463 11.81 -3.23 10.83
N ASP B 464 12.67 -4.23 10.95
CA ASP B 464 13.07 -4.81 12.24
C ASP B 464 14.36 -4.15 12.72
N THR B 465 15.40 -4.18 11.88
CA THR B 465 16.75 -3.68 12.18
C THR B 465 17.11 -2.59 11.17
N VAL B 466 17.74 -1.52 11.66
CA VAL B 466 18.29 -0.40 10.83
C VAL B 466 19.71 -0.17 11.28
N ILE B 467 20.64 -0.37 10.37
CA ILE B 467 22.10 -0.19 10.59
C ILE B 467 22.57 0.95 9.69
N VAL B 468 23.26 1.93 10.25
CA VAL B 468 23.88 3.07 9.50
C VAL B 468 25.35 3.13 9.84
N GLY B 469 26.21 3.09 8.83
CA GLY B 469 27.66 3.08 9.06
C GLY B 469 28.10 1.99 10.03
N GLY B 470 27.48 0.80 9.98
CA GLY B 470 27.84 -0.35 10.80
C GLY B 470 27.27 -0.31 12.22
N ARG B 471 26.58 0.77 12.61
CA ARG B 471 25.99 0.95 13.95
C ARG B 471 24.51 0.58 13.91
N THR B 472 24.05 -0.26 14.80
CA THR B 472 22.63 -0.61 14.90
C THR B 472 21.93 0.60 15.52
N LEU B 473 20.89 1.10 14.87
CA LEU B 473 20.06 2.21 15.44
C LEU B 473 18.66 1.69 15.79
N VAL B 474 18.20 0.68 15.04
CA VAL B 474 16.89 0.05 15.34
C VAL B 474 17.11 -1.46 15.38
N GLU B 475 16.39 -2.14 16.28
CA GLU B 475 16.46 -3.60 16.47
C GLU B 475 15.12 -4.09 17.03
N GLY B 476 14.55 -5.15 16.46
CA GLY B 476 13.23 -5.63 16.87
C GLY B 476 12.19 -4.53 16.77
N GLY B 477 12.34 -3.60 15.82
CA GLY B 477 11.41 -2.48 15.62
C GLY B 477 11.54 -1.42 16.71
N ARG B 478 12.57 -1.43 17.52
CA ARG B 478 12.73 -0.44 18.63
C ARG B 478 14.05 0.31 18.44
N GLY B 479 14.04 1.59 18.75
CA GLY B 479 15.26 2.41 18.72
C GLY B 479 16.16 2.00 19.85
N VAL B 480 17.46 1.84 19.59
CA VAL B 480 18.45 1.35 20.58
C VAL B 480 19.40 2.49 20.94
N GLU B 481 19.33 3.63 20.25
CA GLU B 481 20.23 4.78 20.54
C GLU B 481 19.40 6.02 20.86
N VAL B 482 18.10 5.88 21.08
CA VAL B 482 17.20 6.99 21.51
C VAL B 482 16.23 6.48 22.57
N ASP B 483 15.64 7.41 23.29
CA ASP B 483 14.45 7.21 24.14
C ASP B 483 13.23 7.58 23.30
N GLU B 484 12.50 6.59 22.83
CA GLU B 484 11.32 6.77 21.96
C GLU B 484 10.24 7.52 22.71
N ALA B 485 10.04 7.22 23.99
CA ALA B 485 9.03 7.93 24.82
C ALA B 485 9.47 9.40 24.97
N ALA B 486 10.76 9.69 25.04
CA ALA B 486 11.25 11.08 25.18
C ALA B 486 11.03 11.81 23.85
N LEU B 487 11.35 11.18 22.71
CA LEU B 487 11.18 11.82 21.38
C LEU B 487 9.72 12.23 21.24
N ARG B 488 8.80 11.35 21.62
CA ARG B 488 7.35 11.61 21.47
C ARG B 488 6.96 12.76 22.40
N ASP B 489 7.27 12.67 23.68
CA ASP B 489 6.74 13.61 24.70
C ASP B 489 7.37 14.98 24.43
N ARG B 490 8.62 15.06 24.02
CA ARG B 490 9.23 16.39 23.72
C ARG B 490 8.59 16.95 22.44
N TYR B 491 8.21 16.08 21.51
CA TYR B 491 7.54 16.54 20.28
C TYR B 491 6.17 17.11 20.66
N LEU B 492 5.44 16.41 21.51
CA LEU B 492 4.10 16.85 21.99
C LEU B 492 4.18 18.18 22.75
N GLN B 493 5.13 18.37 23.64
CA GLN B 493 5.32 19.65 24.38
C GLN B 493 5.72 20.75 23.39
N ALA B 494 6.66 20.49 22.49
CA ALA B 494 7.09 21.48 21.47
C ALA B 494 5.88 21.91 20.62
N LEU B 495 5.10 20.95 20.15
CA LEU B 495 3.97 21.22 19.25
C LEU B 495 2.92 22.02 20.01
N ARG B 496 2.71 21.74 21.29
CA ARG B 496 1.75 22.51 22.10
C ARG B 496 2.24 23.97 22.15
N GLY B 497 3.51 24.18 22.47
CA GLY B 497 4.10 25.52 22.60
C GLY B 497 4.01 26.28 21.28
N PHE B 498 4.43 25.66 20.17
CA PHE B 498 4.40 26.28 18.83
C PHE B 498 2.95 26.56 18.41
N THR B 499 2.08 25.58 18.61
CA THR B 499 0.67 25.66 18.18
C THR B 499 -0.02 26.80 18.91
N THR B 500 0.18 26.94 20.22
CA THR B 500 -0.56 27.94 21.01
C THR B 500 0.09 29.30 20.81
N ARG B 501 1.42 29.40 20.89
CA ARG B 501 2.10 30.72 20.94
C ARG B 501 2.19 31.29 19.51
N ALA B 502 2.61 30.50 18.53
CA ALA B 502 2.91 30.98 17.16
C ALA B 502 1.66 30.92 16.30
N LEU B 503 0.95 29.79 16.27
CA LEU B 503 -0.24 29.63 15.39
C LEU B 503 -1.50 30.12 16.11
N ARG B 504 -1.43 30.50 17.38
CA ARG B 504 -2.57 31.12 18.11
C ARG B 504 -3.79 30.19 18.17
N VAL B 505 -3.63 28.88 18.08
CA VAL B 505 -4.72 27.90 18.35
C VAL B 505 -4.97 27.89 19.85
N PRO B 506 -6.22 28.09 20.32
CA PRO B 506 -6.51 28.12 21.76
C PRO B 506 -6.19 26.81 22.50
N ALA B 507 -5.73 26.91 23.74
CA ALA B 507 -5.48 25.77 24.65
C ALA B 507 -6.67 24.81 24.63
N GLU B 508 -7.89 25.34 24.58
CA GLU B 508 -9.17 24.58 24.74
C GLU B 508 -9.32 23.58 23.61
N ALA B 509 -8.77 23.88 22.43
CA ALA B 509 -8.80 22.99 21.24
C ALA B 509 -7.63 22.01 21.27
N VAL B 510 -6.50 22.37 21.89
CA VAL B 510 -5.25 21.55 21.85
C VAL B 510 -5.23 20.52 23.00
N ASP B 511 -5.43 20.95 24.25
CA ASP B 511 -5.25 20.08 25.46
C ASP B 511 -6.15 18.85 25.46
N PRO B 512 -7.44 18.90 25.02
CA PRO B 512 -8.27 17.70 24.93
C PRO B 512 -7.66 16.60 24.03
N VAL B 513 -7.10 16.99 22.89
CA VAL B 513 -6.40 16.06 21.97
C VAL B 513 -5.19 15.49 22.70
N LEU B 514 -4.37 16.34 23.36
CA LEU B 514 -3.12 15.90 24.05
C LEU B 514 -3.48 14.97 25.23
N ALA B 515 -4.59 15.22 25.90
CA ALA B 515 -5.10 14.39 27.03
C ALA B 515 -5.47 12.99 26.51
N GLU B 516 -5.84 12.82 25.25
CA GLU B 516 -6.26 11.50 24.72
C GLU B 516 -5.04 10.68 24.28
N VAL B 517 -3.87 11.30 24.11
CA VAL B 517 -2.66 10.55 23.68
C VAL B 517 -2.46 9.35 24.60
N ALA B 518 -2.32 8.17 23.99
CA ALA B 518 -2.13 6.86 24.66
C ALA B 518 -0.64 6.70 24.99
N ARG B 519 -0.28 6.82 26.27
CA ARG B 519 1.12 6.92 26.80
C ARG B 519 1.71 5.51 27.03
O8 LFK C . -8.72 -13.46 -11.50
C7 LFK C . -9.33 -14.00 -12.39
C2 LFK C . -7.71 -16.33 -11.65
C1 LFK C . -7.01 -17.34 -11.02
C6 LFK C . -7.72 -18.35 -10.39
C5 LFK C . -9.09 -18.34 -10.35
C4 LFK C . -9.80 -17.32 -10.97
O11 LFK C . -8.51 -10.29 -15.58
C3 LFK C . -9.11 -16.31 -11.63
C1' LFK C . -5.59 -17.38 -11.02
O1' LFK C . -5.20 -18.45 -10.47
O2' LFK C . -5.07 -16.37 -11.56
O3 LFK C . -9.87 -15.29 -12.25
C21 LFK C . -9.53 -13.31 -13.73
C31 LFK C . -8.90 -12.09 -14.02
C41 LFK C . -9.10 -11.51 -15.26
C51 LFK C . -9.92 -12.13 -16.21
C61 LFK C . -10.55 -13.35 -15.93
C11 LFK C . -10.35 -13.93 -14.70
C1 PGE D . -3.80 -24.66 -13.27
O1 PGE D . -4.16 -23.30 -13.17
C2 PGE D . -4.03 -25.22 -14.64
O2 PGE D . -2.78 -25.51 -15.28
C3 PGE D . -2.43 -26.89 -15.24
C4 PGE D . -0.94 -27.05 -15.29
O4 PGE D . 1.21 -26.13 -13.03
C6 PGE D . 1.58 -27.50 -13.15
C5 PGE D . 0.90 -28.21 -14.31
O3 PGE D . -0.51 -27.96 -14.29
ZN ZN E . -11.43 -13.26 -9.79
O8 LFK F . 5.32 18.78 -2.00
C7 LFK F . 5.29 19.99 -2.28
C2 LFK F . 4.43 20.85 0.42
C1 LFK F . 4.24 21.08 1.77
C6 LFK F . 5.35 21.56 2.47
C5 LFK F . 6.56 21.84 1.90
C4 LFK F . 6.75 21.65 0.55
O11 LFK F . 2.46 19.37 -6.28
C3 LFK F . 5.66 21.17 -0.16
C1' LFK F . 3.00 20.84 2.44
O1' LFK F . 2.14 20.28 1.76
O2' LFK F . 3.06 21.23 3.62
O3 LFK F . 5.89 21.02 -1.51
C21 LFK F . 4.71 20.51 -3.62
C31 LFK F . 3.85 19.71 -4.36
C41 LFK F . 3.33 20.20 -5.56
C51 LFK F . 3.68 21.47 -6.03
C61 LFK F . 4.56 22.25 -5.32
C11 LFK F . 5.07 21.78 -4.10
C1 EDO G . 15.30 27.03 -24.18
O1 EDO G . 14.52 27.18 -23.00
C2 EDO G . 16.41 26.05 -24.03
O2 EDO G . 17.37 26.40 -23.04
C1 PEG H . -8.54 29.64 -8.04
O1 PEG H . -9.32 30.46 -7.21
C2 PEG H . -8.75 28.19 -7.75
O2 PEG H . -7.97 27.40 -8.63
C3 PEG H . -7.73 26.08 -8.15
C4 PEG H . -8.85 25.17 -8.51
O4 PEG H . -9.00 24.11 -7.59
ZN ZN I . 7.96 18.09 -2.10
#